data_6M8R
#
_entry.id   6M8R
#
_cell.length_a   91.964
_cell.length_b   64.945
_cell.length_c   114.137
_cell.angle_alpha   90.00
_cell.angle_beta   99.79
_cell.angle_gamma   90.00
#
_symmetry.space_group_name_H-M   'P 1 21 1'
#
loop_
_entity.id
_entity.type
_entity.pdbx_description
1 polymer 'BTB/POZ domain-containing protein KCTD16'
2 polymer 'Gamma-aminobutyric acid type B receptor subunit 2'
3 non-polymer 'MAGNESIUM ION'
#
loop_
_entity_poly.entity_id
_entity_poly.type
_entity_poly.pdbx_seq_one_letter_code
_entity_poly.pdbx_strand_id
1 'polypeptide(L)'
;MFPEVVELNVGGQVYFTRHSTLISIPHSLLWKMFSPKRDTANDLAKDSKGRFFIDRDGFLFRYILDYLRDRQVVLPDHFP
EKGRLKREAEYFQLPDLVKLLTP
;
G,H,I,J,B,C,D,E,A,F
2 'polypeptide(L)' GPEKDPIEDINSPEHIQRRLSLQLPILHHAYLPSIGGVDAS K,L
#
loop_
_chem_comp.id
_chem_comp.type
_chem_comp.name
_chem_comp.formula
MG non-polymer 'MAGNESIUM ION' 'Mg 2'
#
# COMPACT_ATOMS: atom_id res chain seq x y z
N MET A 1 46.26 17.15 -27.81
CA MET A 1 45.41 17.80 -28.81
C MET A 1 44.01 17.21 -28.75
N PHE A 2 43.22 17.64 -27.77
CA PHE A 2 41.90 17.06 -27.60
C PHE A 2 40.84 17.90 -28.29
N PRO A 3 39.75 17.28 -28.75
CA PRO A 3 38.66 18.04 -29.36
C PRO A 3 37.95 18.90 -28.32
N GLU A 4 37.09 19.79 -28.80
CA GLU A 4 36.34 20.64 -27.87
C GLU A 4 35.36 19.81 -27.05
N VAL A 5 34.74 18.83 -27.68
CA VAL A 5 33.78 17.94 -27.01
C VAL A 5 34.41 16.55 -26.93
N VAL A 6 34.57 16.06 -25.72
CA VAL A 6 35.20 14.77 -25.46
C VAL A 6 34.13 13.69 -25.33
N GLU A 7 34.38 12.54 -25.95
CA GLU A 7 33.49 11.39 -25.87
C GLU A 7 34.03 10.44 -24.79
N LEU A 8 33.29 10.27 -23.71
CA LEU A 8 33.72 9.44 -22.60
C LEU A 8 32.94 8.14 -22.57
N ASN A 9 33.63 7.07 -22.16
CA ASN A 9 33.03 5.78 -21.88
C ASN A 9 33.43 5.40 -20.46
N VAL A 10 32.49 5.44 -19.54
CA VAL A 10 32.75 5.12 -18.14
C VAL A 10 32.03 3.82 -17.83
N GLY A 11 32.79 2.73 -17.74
CA GLY A 11 32.22 1.43 -17.39
C GLY A 11 31.09 0.98 -18.30
N GLY A 12 31.04 1.50 -19.52
CA GLY A 12 29.97 1.18 -20.45
C GLY A 12 28.93 2.25 -20.62
N GLN A 13 29.02 3.34 -19.86
CA GLN A 13 28.11 4.47 -20.00
C GLN A 13 28.81 5.55 -20.82
N VAL A 14 28.21 5.94 -21.94
CA VAL A 14 28.83 6.89 -22.85
C VAL A 14 28.46 8.30 -22.40
N TYR A 15 29.46 9.18 -22.37
CA TYR A 15 29.27 10.57 -21.98
C TYR A 15 29.96 11.50 -22.98
N PHE A 16 29.29 12.60 -23.30
CA PHE A 16 29.86 13.70 -24.03
C PHE A 16 29.96 14.91 -23.11
N THR A 17 31.09 15.61 -23.17
CA THR A 17 31.29 16.81 -22.38
C THR A 17 32.40 17.62 -23.04
N ARG A 18 32.47 18.90 -22.68
CA ARG A 18 33.51 19.76 -23.22
C ARG A 18 34.85 19.43 -22.58
N HIS A 19 35.92 19.56 -23.37
CA HIS A 19 37.26 19.33 -22.85
C HIS A 19 37.63 20.31 -21.75
N SER A 20 37.16 21.56 -21.83
CA SER A 20 37.46 22.51 -20.77
C SER A 20 36.83 22.08 -19.44
N THR A 21 35.71 21.37 -19.51
CA THR A 21 35.05 20.92 -18.28
C THR A 21 35.88 19.85 -17.57
N LEU A 22 36.56 19.00 -18.33
CA LEU A 22 37.37 17.93 -17.73
C LEU A 22 38.54 18.48 -16.93
N ILE A 23 39.09 19.62 -17.33
CA ILE A 23 40.23 20.21 -16.63
C ILE A 23 39.79 21.35 -15.71
N SER A 24 38.52 21.34 -15.27
CA SER A 24 37.99 22.42 -14.46
C SER A 24 38.65 22.44 -13.08
N ILE A 25 39.10 21.28 -12.60
CA ILE A 25 39.67 21.16 -11.26
C ILE A 25 41.15 20.82 -11.38
N PRO A 26 42.05 21.79 -11.19
CA PRO A 26 43.49 21.50 -11.25
C PRO A 26 43.90 20.41 -10.27
N HIS A 27 44.95 19.67 -10.66
CA HIS A 27 45.51 18.57 -9.88
C HIS A 27 44.50 17.49 -9.52
N SER A 28 43.47 17.33 -10.35
CA SER A 28 42.52 16.24 -10.20
C SER A 28 42.92 15.12 -11.16
N LEU A 29 42.30 13.96 -11.00
CA LEU A 29 42.67 12.86 -11.87
C LEU A 29 42.30 13.17 -13.31
N LEU A 30 41.08 13.69 -13.53
CA LEU A 30 40.69 14.10 -14.87
C LEU A 30 41.55 15.23 -15.39
N TRP A 31 42.11 16.05 -14.48
CA TRP A 31 43.05 17.07 -14.88
C TRP A 31 44.34 16.44 -15.39
N LYS A 32 44.86 15.45 -14.67
CA LYS A 32 46.07 14.76 -15.12
C LYS A 32 45.84 14.01 -16.42
N MET A 33 44.63 13.50 -16.63
CA MET A 33 44.38 12.67 -17.80
C MET A 33 44.29 13.49 -19.08
N PHE A 34 43.44 14.52 -19.09
CA PHE A 34 43.14 15.27 -20.31
C PHE A 34 43.94 16.55 -20.46
N SER A 35 44.91 16.81 -19.60
CA SER A 35 45.71 18.03 -19.75
C SER A 35 46.74 17.82 -20.85
N PRO A 36 46.75 18.66 -21.90
CA PRO A 36 47.70 18.46 -22.99
C PRO A 36 49.13 18.72 -22.54
N LYS A 37 49.95 17.68 -22.59
CA LYS A 37 51.33 17.76 -22.16
C LYS A 37 52.12 16.53 -22.62
N ALA A 41 47.45 12.59 -26.75
CA ALA A 41 46.02 12.24 -26.70
C ALA A 41 45.78 10.84 -27.24
N ASN A 42 46.80 10.27 -27.90
CA ASN A 42 46.71 8.93 -28.47
C ASN A 42 47.18 7.85 -27.51
N ASP A 43 47.78 8.21 -26.37
CA ASP A 43 48.23 7.24 -25.40
C ASP A 43 47.14 6.81 -24.43
N LEU A 44 46.08 7.60 -24.27
CA LEU A 44 45.03 7.27 -23.33
C LEU A 44 44.15 6.14 -23.86
N ALA A 45 43.70 5.29 -22.93
CA ALA A 45 42.99 4.07 -23.32
C ALA A 45 41.66 4.42 -23.98
N LYS A 46 41.33 3.71 -25.05
CA LYS A 46 40.09 3.94 -25.76
C LYS A 46 39.33 2.62 -25.93
N ASP A 47 38.05 2.73 -26.27
CA ASP A 47 37.19 1.58 -26.45
C ASP A 47 37.16 1.20 -27.93
N SER A 48 36.26 0.29 -28.29
CA SER A 48 36.21 -0.20 -29.66
C SER A 48 35.93 0.91 -30.66
N LYS A 49 35.13 1.90 -30.28
CA LYS A 49 34.77 3.02 -31.16
C LYS A 49 35.69 4.23 -31.02
N GLY A 50 36.74 4.14 -30.21
CA GLY A 50 37.68 5.24 -30.06
C GLY A 50 37.35 6.21 -28.94
N ARG A 51 36.24 6.02 -28.24
CA ARG A 51 35.89 6.89 -27.14
C ARG A 51 36.81 6.67 -25.94
N PHE A 52 37.20 7.76 -25.29
CA PHE A 52 38.04 7.67 -24.11
C PHE A 52 37.34 6.88 -23.01
N PHE A 53 38.07 5.97 -22.37
CA PHE A 53 37.52 5.03 -21.41
C PHE A 53 37.94 5.36 -19.99
N ILE A 54 36.97 5.48 -19.10
CA ILE A 54 37.19 5.59 -17.67
C ILE A 54 36.69 4.30 -17.03
N ASP A 55 37.57 3.62 -16.29
CA ASP A 55 37.23 2.34 -15.66
C ASP A 55 36.64 2.59 -14.27
N ARG A 56 35.45 3.18 -14.26
CA ARG A 56 34.72 3.48 -13.02
C ARG A 56 33.24 3.25 -13.22
N ASP A 57 32.49 3.38 -12.11
CA ASP A 57 31.04 3.21 -12.13
C ASP A 57 30.39 4.22 -13.05
N GLY A 58 29.65 3.71 -14.05
CA GLY A 58 29.04 4.58 -15.04
C GLY A 58 27.87 5.38 -14.52
N PHE A 59 27.09 4.80 -13.60
CA PHE A 59 25.89 5.49 -13.13
C PHE A 59 26.23 6.69 -12.26
N LEU A 60 27.25 6.58 -11.42
CA LEU A 60 27.61 7.68 -10.55
C LEU A 60 28.39 8.77 -11.27
N PHE A 61 28.98 8.46 -12.43
CA PHE A 61 29.74 9.47 -13.16
C PHE A 61 28.85 10.60 -13.67
N ARG A 62 27.54 10.32 -13.83
CA ARG A 62 26.59 11.34 -14.23
C ARG A 62 26.65 12.55 -13.30
N TYR A 63 26.78 12.32 -12.00
CA TYR A 63 26.81 13.41 -11.03
C TYR A 63 28.19 14.04 -10.90
N ILE A 64 29.25 13.32 -11.24
CA ILE A 64 30.58 13.91 -11.28
C ILE A 64 30.65 15.03 -12.32
N LEU A 65 30.02 14.82 -13.48
CA LEU A 65 30.06 15.85 -14.50
C LEU A 65 29.26 17.09 -14.12
N ASP A 66 28.22 16.92 -13.30
CA ASP A 66 27.49 18.10 -12.85
C ASP A 66 28.32 18.93 -11.90
N TYR A 67 29.17 18.28 -11.10
CA TYR A 67 30.06 19.05 -10.22
C TYR A 67 31.09 19.82 -11.02
N LEU A 68 31.69 19.18 -12.03
CA LEU A 68 32.66 19.88 -12.86
C LEU A 68 32.03 21.06 -13.59
N ARG A 69 30.75 20.95 -13.94
CA ARG A 69 30.06 22.02 -14.64
C ARG A 69 29.71 23.17 -13.70
N ASP A 70 29.10 22.87 -12.57
CA ASP A 70 28.47 23.89 -11.72
C ASP A 70 29.20 24.18 -10.42
N ARG A 71 30.26 23.43 -10.09
CA ARG A 71 30.91 23.52 -8.78
C ARG A 71 29.93 23.24 -7.65
N GLN A 72 28.88 22.47 -7.94
CA GLN A 72 27.89 22.02 -6.96
C GLN A 72 27.10 20.91 -7.62
N VAL A 73 26.40 20.12 -6.80
CA VAL A 73 25.65 18.98 -7.28
C VAL A 73 24.34 18.88 -6.52
N VAL A 74 23.24 18.95 -7.25
CA VAL A 74 21.92 18.67 -6.70
C VAL A 74 21.67 17.18 -6.91
N LEU A 75 21.53 16.45 -5.83
CA LEU A 75 21.23 15.03 -5.88
C LEU A 75 19.73 14.83 -6.01
N PRO A 76 19.29 13.62 -6.36
CA PRO A 76 17.85 13.36 -6.40
C PRO A 76 17.24 13.47 -5.01
N ASP A 77 15.92 13.67 -4.97
CA ASP A 77 15.24 13.90 -3.70
C ASP A 77 15.50 12.76 -2.72
N HIS A 78 15.39 11.53 -3.18
CA HIS A 78 15.72 10.36 -2.38
C HIS A 78 16.94 9.71 -3.02
N PHE A 79 18.08 9.79 -2.35
CA PHE A 79 19.32 9.26 -2.89
C PHE A 79 19.94 8.28 -1.90
N PRO A 80 20.23 7.05 -2.33
CA PRO A 80 20.84 6.07 -1.42
C PRO A 80 22.35 5.96 -1.51
N GLU A 81 23.00 6.67 -2.43
CA GLU A 81 24.41 6.45 -2.67
C GLU A 81 25.22 7.73 -2.52
N LYS A 82 25.00 8.46 -1.42
CA LYS A 82 25.87 9.59 -1.13
C LYS A 82 27.26 9.11 -0.76
N GLY A 83 27.33 8.03 0.02
CA GLY A 83 28.63 7.49 0.42
C GLY A 83 29.42 6.98 -0.76
N ARG A 84 28.74 6.37 -1.73
CA ARG A 84 29.45 5.83 -2.90
C ARG A 84 29.97 6.96 -3.78
N LEU A 85 29.16 8.02 -3.96
CA LEU A 85 29.59 9.16 -4.76
C LEU A 85 30.81 9.84 -4.16
N LYS A 86 30.88 9.89 -2.83
CA LYS A 86 32.06 10.44 -2.17
C LYS A 86 33.30 9.63 -2.53
N ARG A 87 33.16 8.30 -2.62
CA ARG A 87 34.28 7.46 -3.02
C ARG A 87 34.72 7.77 -4.45
N GLU A 88 33.75 8.00 -5.35
CA GLU A 88 34.08 8.41 -6.70
C GLU A 88 34.74 9.78 -6.71
N ALA A 89 34.25 10.70 -5.88
CA ALA A 89 34.88 12.02 -5.78
C ALA A 89 36.32 11.92 -5.29
N GLU A 90 36.59 10.99 -4.37
CA GLU A 90 37.95 10.78 -3.90
C GLU A 90 38.84 10.25 -5.02
N TYR A 91 38.33 9.31 -5.81
CA TYR A 91 39.12 8.75 -6.91
C TYR A 91 39.47 9.82 -7.93
N PHE A 92 38.48 10.62 -8.34
CA PHE A 92 38.72 11.69 -9.30
C PHE A 92 39.42 12.90 -8.68
N GLN A 93 39.67 12.87 -7.37
CA GLN A 93 40.43 13.91 -6.66
C GLN A 93 39.72 15.27 -6.78
N LEU A 94 38.54 15.31 -6.17
CA LEU A 94 37.71 16.51 -6.09
C LEU A 94 37.50 16.85 -4.61
N PRO A 95 38.46 17.56 -3.99
CA PRO A 95 38.38 17.77 -2.54
C PRO A 95 37.10 18.47 -2.08
N ASP A 96 36.67 19.52 -2.79
CA ASP A 96 35.49 20.27 -2.36
C ASP A 96 34.22 19.44 -2.51
N LEU A 97 34.17 18.56 -3.51
CA LEU A 97 32.99 17.71 -3.67
C LEU A 97 32.90 16.68 -2.54
N VAL A 98 34.06 16.20 -2.08
CA VAL A 98 34.07 15.31 -0.92
C VAL A 98 33.55 16.02 0.32
N LYS A 99 33.89 17.31 0.47
CA LYS A 99 33.40 18.08 1.62
C LYS A 99 31.89 18.21 1.58
N LEU A 100 31.33 18.50 0.41
CA LEU A 100 29.88 18.63 0.27
C LEU A 100 29.18 17.31 0.62
N LEU A 101 29.81 16.19 0.31
CA LEU A 101 29.21 14.88 0.55
C LEU A 101 29.51 14.34 1.94
N THR A 102 30.53 14.88 2.62
CA THR A 102 30.81 14.51 3.99
C THR A 102 29.93 15.33 4.94
N PRO A 103 29.12 14.68 5.80
CA PRO A 103 28.28 15.38 6.77
C PRO A 103 29.06 15.87 7.98
N PHE B 2 43.52 -10.70 -25.56
CA PHE B 2 42.48 -9.82 -25.03
C PHE B 2 42.85 -8.35 -25.19
N PRO B 3 41.86 -7.53 -25.53
CA PRO B 3 42.10 -6.09 -25.66
C PRO B 3 42.30 -5.46 -24.30
N GLU B 4 42.71 -4.19 -24.32
CA GLU B 4 42.94 -3.48 -23.07
C GLU B 4 41.61 -3.17 -22.37
N VAL B 5 40.60 -2.79 -23.14
CA VAL B 5 39.26 -2.56 -22.62
C VAL B 5 38.36 -3.73 -23.01
N VAL B 6 37.90 -4.47 -22.01
CA VAL B 6 37.11 -5.68 -22.25
C VAL B 6 35.65 -5.30 -22.21
N GLU B 7 34.91 -5.73 -23.21
CA GLU B 7 33.47 -5.46 -23.31
C GLU B 7 32.71 -6.68 -22.80
N LEU B 8 32.03 -6.52 -21.66
CA LEU B 8 31.35 -7.61 -20.99
C LEU B 8 29.84 -7.48 -21.11
N ASN B 9 29.18 -8.63 -21.16
CA ASN B 9 27.73 -8.75 -21.07
C ASN B 9 27.42 -9.70 -19.93
N VAL B 10 26.88 -9.18 -18.83
CA VAL B 10 26.57 -9.99 -17.66
C VAL B 10 25.06 -10.10 -17.56
N GLY B 11 24.53 -11.27 -17.91
CA GLY B 11 23.10 -11.54 -17.81
C GLY B 11 22.20 -10.55 -18.52
N GLY B 12 22.73 -9.84 -19.52
CA GLY B 12 21.97 -8.83 -20.23
C GLY B 12 22.30 -7.41 -19.85
N GLN B 13 23.14 -7.21 -18.85
CA GLN B 13 23.61 -5.88 -18.46
C GLN B 13 25.02 -5.71 -19.02
N VAL B 14 25.23 -4.66 -19.80
CA VAL B 14 26.50 -4.44 -20.48
C VAL B 14 27.45 -3.67 -19.57
N TYR B 15 28.68 -4.17 -19.45
CA TYR B 15 29.70 -3.52 -18.64
C TYR B 15 31.01 -3.48 -19.41
N PHE B 16 31.72 -2.36 -19.29
CA PHE B 16 33.08 -2.21 -19.80
C PHE B 16 34.06 -2.11 -18.65
N THR B 17 35.20 -2.79 -18.79
CA THR B 17 36.27 -2.74 -17.81
C THR B 17 37.56 -3.17 -18.50
N ARG B 18 38.69 -2.81 -17.88
CA ARG B 18 39.98 -3.20 -18.43
C ARG B 18 40.26 -4.67 -18.16
N HIS B 19 41.03 -5.28 -19.06
CA HIS B 19 41.44 -6.67 -18.87
C HIS B 19 42.23 -6.87 -17.58
N SER B 20 43.04 -5.89 -17.20
CA SER B 20 43.84 -6.01 -15.98
C SER B 20 42.95 -6.09 -14.75
N THR B 21 41.78 -5.45 -14.78
CA THR B 21 40.90 -5.43 -13.62
C THR B 21 40.29 -6.81 -13.37
N LEU B 22 39.95 -7.53 -14.44
CA LEU B 22 39.29 -8.82 -14.29
C LEU B 22 40.21 -9.87 -13.70
N ILE B 23 41.51 -9.83 -14.01
CA ILE B 23 42.46 -10.83 -13.56
C ILE B 23 43.25 -10.35 -12.34
N SER B 24 42.78 -9.31 -11.66
CA SER B 24 43.53 -8.75 -10.54
C SER B 24 43.67 -9.72 -9.37
N ILE B 25 42.71 -10.62 -9.18
CA ILE B 25 42.68 -11.54 -8.05
C ILE B 25 42.91 -12.95 -8.56
N PRO B 26 44.09 -13.54 -8.35
CA PRO B 26 44.36 -14.89 -8.86
C PRO B 26 43.38 -15.93 -8.31
N HIS B 27 43.15 -16.97 -9.11
CA HIS B 27 42.33 -18.13 -8.76
C HIS B 27 40.87 -17.77 -8.45
N SER B 28 40.42 -16.59 -8.87
CA SER B 28 39.00 -16.29 -8.85
C SER B 28 38.41 -16.68 -10.19
N LEU B 29 37.08 -16.71 -10.27
CA LEU B 29 36.46 -17.18 -11.51
C LEU B 29 36.77 -16.22 -12.66
N LEU B 30 36.67 -14.91 -12.43
CA LEU B 30 36.99 -13.95 -13.48
C LEU B 30 38.46 -14.03 -13.87
N TRP B 31 39.32 -14.44 -12.94
CA TRP B 31 40.72 -14.66 -13.26
C TRP B 31 40.88 -15.85 -14.21
N LYS B 32 40.17 -16.94 -13.93
CA LYS B 32 40.26 -18.14 -14.76
C LYS B 32 39.75 -17.89 -16.17
N MET B 33 38.74 -17.02 -16.31
CA MET B 33 38.12 -16.81 -17.62
C MET B 33 39.03 -16.00 -18.54
N PHE B 34 39.62 -14.93 -18.02
CA PHE B 34 40.33 -13.96 -18.84
C PHE B 34 41.84 -14.10 -18.77
N SER B 35 42.36 -15.12 -18.09
CA SER B 35 43.78 -15.41 -18.12
C SER B 35 44.09 -16.28 -19.34
N PRO B 36 45.03 -15.86 -20.21
CA PRO B 36 45.42 -16.57 -21.44
C PRO B 36 45.71 -18.06 -21.22
N LEU B 44 36.03 -19.05 -25.31
CA LEU B 44 35.10 -18.34 -24.45
C LEU B 44 33.76 -18.13 -25.16
N ALA B 45 32.70 -17.93 -24.38
CA ALA B 45 31.37 -17.69 -24.92
C ALA B 45 31.12 -16.20 -25.10
N LYS B 46 30.58 -15.83 -26.25
CA LYS B 46 30.30 -14.44 -26.59
C LYS B 46 28.87 -14.32 -27.08
N ASP B 47 28.26 -13.16 -26.85
CA ASP B 47 26.86 -12.94 -27.21
C ASP B 47 26.76 -12.51 -28.67
N SER B 48 25.57 -12.06 -29.08
CA SER B 48 25.32 -11.70 -30.47
C SER B 48 26.21 -10.56 -30.94
N LYS B 49 26.55 -9.63 -30.05
CA LYS B 49 27.37 -8.48 -30.39
C LYS B 49 28.86 -8.72 -30.17
N GLY B 50 29.27 -9.94 -29.84
CA GLY B 50 30.67 -10.25 -29.67
C GLY B 50 31.19 -9.99 -28.28
N ARG B 51 30.36 -9.45 -27.39
CA ARG B 51 30.77 -9.15 -26.04
C ARG B 51 30.93 -10.42 -25.22
N PHE B 52 31.98 -10.48 -24.40
CA PHE B 52 32.17 -11.62 -23.52
C PHE B 52 31.02 -11.70 -22.52
N PHE B 53 30.52 -12.91 -22.32
CA PHE B 53 29.28 -13.13 -21.59
C PHE B 53 29.54 -13.75 -20.22
N ILE B 54 28.98 -13.12 -19.18
CA ILE B 54 28.94 -13.69 -17.83
C ILE B 54 27.49 -14.05 -17.54
N ASP B 55 27.24 -15.32 -17.21
CA ASP B 55 25.87 -15.79 -16.98
C ASP B 55 25.50 -15.63 -15.49
N ARG B 56 25.40 -14.37 -15.08
CA ARG B 56 25.00 -14.02 -13.72
C ARG B 56 24.11 -12.79 -13.76
N ASP B 57 23.55 -12.45 -12.59
CA ASP B 57 22.69 -11.28 -12.49
C ASP B 57 23.46 -10.00 -12.84
N GLY B 58 22.94 -9.27 -13.82
CA GLY B 58 23.65 -8.10 -14.32
C GLY B 58 23.66 -6.93 -13.36
N PHE B 59 22.60 -6.77 -12.58
CA PHE B 59 22.50 -5.59 -11.71
C PHE B 59 23.52 -5.65 -10.59
N LEU B 60 23.77 -6.84 -10.03
CA LEU B 60 24.71 -6.96 -8.94
C LEU B 60 26.16 -6.95 -9.39
N PHE B 61 26.44 -7.16 -10.68
CA PHE B 61 27.82 -7.18 -11.14
C PHE B 61 28.49 -5.83 -10.99
N ARG B 62 27.70 -4.75 -11.00
CA ARG B 62 28.27 -3.42 -10.77
C ARG B 62 29.03 -3.35 -9.45
N TYR B 63 28.51 -4.02 -8.41
CA TYR B 63 29.19 -4.00 -7.12
C TYR B 63 30.32 -5.01 -7.06
N ILE B 64 30.22 -6.10 -7.82
CA ILE B 64 31.36 -6.99 -8.00
C ILE B 64 32.48 -6.28 -8.73
N LEU B 65 32.13 -5.51 -9.77
CA LEU B 65 33.13 -4.81 -10.55
C LEU B 65 33.78 -3.69 -9.73
N ASP B 66 33.02 -3.04 -8.86
CA ASP B 66 33.60 -2.02 -8.00
C ASP B 66 34.58 -2.60 -7.00
N TYR B 67 34.35 -3.84 -6.57
CA TYR B 67 35.28 -4.50 -5.66
C TYR B 67 36.62 -4.76 -6.34
N LEU B 68 36.60 -5.23 -7.59
CA LEU B 68 37.84 -5.49 -8.30
C LEU B 68 38.68 -4.22 -8.44
N ARG B 69 38.01 -3.07 -8.56
CA ARG B 69 38.73 -1.81 -8.73
C ARG B 69 39.39 -1.34 -7.44
N ASP B 70 38.63 -1.27 -6.35
CA ASP B 70 39.09 -0.63 -5.12
C ASP B 70 39.41 -1.59 -3.98
N ARG B 71 39.13 -2.88 -4.13
CA ARG B 71 39.26 -3.86 -3.05
C ARG B 71 38.41 -3.48 -1.84
N GLN B 72 37.32 -2.75 -2.07
CA GLN B 72 36.34 -2.40 -1.06
C GLN B 72 35.09 -1.94 -1.80
N VAL B 73 33.95 -2.02 -1.12
CA VAL B 73 32.67 -1.67 -1.74
C VAL B 73 31.81 -0.96 -0.71
N VAL B 74 31.42 0.27 -1.02
CA VAL B 74 30.43 0.99 -0.25
C VAL B 74 29.08 0.70 -0.86
N LEU B 75 28.20 0.06 -0.08
CA LEU B 75 26.86 -0.22 -0.56
C LEU B 75 25.95 0.99 -0.36
N PRO B 76 24.84 1.07 -1.09
CA PRO B 76 23.87 2.14 -0.83
C PRO B 76 23.31 2.05 0.59
N ASP B 77 22.69 3.14 1.02
CA ASP B 77 22.28 3.31 2.41
C ASP B 77 21.43 2.14 2.90
N HIS B 78 20.27 1.94 2.27
CA HIS B 78 19.36 0.89 2.69
C HIS B 78 19.29 -0.20 1.61
N PHE B 79 20.45 -0.72 1.22
CA PHE B 79 20.56 -1.69 0.14
C PHE B 79 19.91 -3.02 0.53
N PRO B 80 18.82 -3.43 -0.11
CA PRO B 80 18.09 -4.63 0.31
C PRO B 80 18.73 -5.94 -0.11
N GLU B 81 19.82 -5.92 -0.88
CA GLU B 81 20.34 -7.17 -1.42
C GLU B 81 21.80 -7.41 -1.05
N LYS B 82 22.12 -7.29 0.24
CA LYS B 82 23.46 -7.68 0.70
C LYS B 82 23.64 -9.19 0.62
N GLY B 83 22.61 -9.94 0.99
CA GLY B 83 22.71 -11.39 0.94
C GLY B 83 22.85 -11.90 -0.47
N ARG B 84 22.16 -11.25 -1.42
CA ARG B 84 22.25 -11.68 -2.81
C ARG B 84 23.63 -11.36 -3.39
N LEU B 85 24.18 -10.20 -3.04
CA LEU B 85 25.52 -9.83 -3.51
C LEU B 85 26.57 -10.79 -2.97
N LYS B 86 26.40 -11.26 -1.72
CA LYS B 86 27.32 -12.25 -1.18
C LYS B 86 27.32 -13.53 -1.99
N ARG B 87 26.15 -13.94 -2.47
CA ARG B 87 26.09 -15.15 -3.29
C ARG B 87 26.84 -14.95 -4.61
N GLU B 88 26.73 -13.76 -5.20
CA GLU B 88 27.50 -13.45 -6.40
C GLU B 88 29.00 -13.42 -6.09
N ALA B 89 29.38 -12.88 -4.94
CA ALA B 89 30.78 -12.87 -4.56
C ALA B 89 31.33 -14.28 -4.41
N GLU B 90 30.52 -15.20 -3.87
CA GLU B 90 30.94 -16.59 -3.75
C GLU B 90 31.10 -17.24 -5.12
N TYR B 91 30.18 -16.97 -6.05
CA TYR B 91 30.28 -17.56 -7.38
C TYR B 91 31.56 -17.12 -8.08
N PHE B 92 31.87 -15.84 -8.03
CA PHE B 92 33.09 -15.33 -8.64
C PHE B 92 34.33 -15.63 -7.80
N GLN B 93 34.16 -16.23 -6.62
CA GLN B 93 35.27 -16.70 -5.79
C GLN B 93 36.18 -15.53 -5.38
N LEU B 94 35.59 -14.63 -4.59
CA LEU B 94 36.27 -13.45 -4.06
C LEU B 94 36.24 -13.54 -2.53
N PRO B 95 37.19 -14.26 -1.93
CA PRO B 95 37.10 -14.51 -0.47
C PRO B 95 37.02 -13.25 0.37
N ASP B 96 37.83 -12.24 0.07
CA ASP B 96 37.84 -11.03 0.90
C ASP B 96 36.53 -10.26 0.78
N LEU B 97 35.91 -10.26 -0.40
CA LEU B 97 34.63 -9.57 -0.56
C LEU B 97 33.53 -10.28 0.21
N VAL B 98 33.56 -11.62 0.24
CA VAL B 98 32.59 -12.36 1.03
C VAL B 98 32.75 -12.04 2.51
N LYS B 99 33.99 -11.85 2.96
CA LYS B 99 34.25 -11.51 4.35
C LYS B 99 33.62 -10.18 4.72
N LEU B 100 33.74 -9.18 3.84
CA LEU B 100 33.17 -7.86 4.10
C LEU B 100 31.66 -7.91 4.26
N LEU B 101 30.99 -8.83 3.58
CA LEU B 101 29.54 -8.89 3.56
C LEU B 101 28.94 -9.70 4.71
N THR B 102 29.73 -10.55 5.37
CA THR B 102 29.17 -11.20 6.55
C THR B 102 29.35 -10.31 7.78
N PRO B 103 28.35 -10.28 8.68
CA PRO B 103 28.45 -9.57 9.96
C PRO B 103 29.30 -10.33 10.98
N MET C 1 19.83 -27.16 -32.65
CA MET C 1 20.95 -26.24 -32.66
C MET C 1 20.54 -24.87 -32.09
N PHE C 2 21.06 -24.55 -30.92
CA PHE C 2 20.81 -23.30 -30.23
C PHE C 2 22.13 -22.63 -29.89
N PRO C 3 22.16 -21.30 -29.79
CA PRO C 3 23.42 -20.62 -29.48
C PRO C 3 23.79 -20.79 -28.01
N GLU C 4 25.07 -20.59 -27.72
CA GLU C 4 25.54 -20.76 -26.35
C GLU C 4 24.86 -19.77 -25.41
N VAL C 5 24.63 -18.55 -25.87
CA VAL C 5 23.98 -17.51 -25.08
C VAL C 5 22.61 -17.25 -25.68
N VAL C 6 21.56 -17.50 -24.90
CA VAL C 6 20.19 -17.32 -25.35
C VAL C 6 19.71 -15.96 -24.90
N GLU C 7 19.05 -15.23 -25.81
CA GLU C 7 18.49 -13.91 -25.54
C GLU C 7 16.99 -14.05 -25.29
N LEU C 8 16.55 -13.79 -24.07
CA LEU C 8 15.16 -13.97 -23.67
C LEU C 8 14.47 -12.63 -23.46
N ASN C 9 13.18 -12.59 -23.79
CA ASN C 9 12.31 -11.46 -23.50
C ASN C 9 11.11 -11.98 -22.70
N VAL C 10 11.04 -11.62 -21.43
CA VAL C 10 9.98 -12.06 -20.53
C VAL C 10 9.10 -10.86 -20.21
N GLY C 11 7.91 -10.81 -20.79
CA GLY C 11 6.96 -9.74 -20.51
C GLY C 11 7.47 -8.34 -20.73
N GLY C 12 8.51 -8.18 -21.55
CA GLY C 12 9.12 -6.89 -21.80
C GLY C 12 10.44 -6.66 -21.12
N GLN C 13 10.88 -7.57 -20.26
CA GLN C 13 12.20 -7.51 -19.64
C GLN C 13 13.12 -8.49 -20.33
N VAL C 14 14.23 -7.98 -20.86
CA VAL C 14 15.18 -8.79 -21.62
C VAL C 14 16.20 -9.40 -20.66
N TYR C 15 16.46 -10.70 -20.84
CA TYR C 15 17.44 -11.43 -20.05
C TYR C 15 18.30 -12.26 -20.98
N PHE C 16 19.59 -12.33 -20.67
CA PHE C 16 20.53 -13.20 -21.36
C PHE C 16 20.96 -14.32 -20.40
N THR C 17 21.03 -15.54 -20.93
CA THR C 17 21.50 -16.67 -20.14
C THR C 17 21.97 -17.75 -21.10
N ARG C 18 22.77 -18.66 -20.57
CA ARG C 18 23.29 -19.76 -21.38
C ARG C 18 22.23 -20.81 -21.63
N HIS C 19 22.31 -21.42 -22.82
CA HIS C 19 21.40 -22.51 -23.16
C HIS C 19 21.45 -23.64 -22.15
N SER C 20 22.63 -23.89 -21.57
CA SER C 20 22.76 -24.94 -20.57
C SER C 20 21.93 -24.64 -19.33
N THR C 21 21.76 -23.36 -19.00
CA THR C 21 20.98 -22.99 -17.82
C THR C 21 19.49 -23.28 -18.02
N LEU C 22 18.98 -23.07 -19.24
CA LEU C 22 17.56 -23.27 -19.49
C LEU C 22 17.18 -24.74 -19.39
N ILE C 23 18.07 -25.65 -19.78
CA ILE C 23 17.81 -27.07 -19.73
C ILE C 23 18.42 -27.71 -18.47
N SER C 24 18.81 -26.90 -17.49
CA SER C 24 19.45 -27.42 -16.29
C SER C 24 18.51 -28.29 -15.48
N ILE C 25 17.21 -28.02 -15.54
CA ILE C 25 16.20 -28.76 -14.79
C ILE C 25 15.33 -29.54 -15.77
N PRO C 26 15.55 -30.85 -15.91
CA PRO C 26 14.76 -31.63 -16.86
C PRO C 26 13.27 -31.59 -16.53
N HIS C 27 12.46 -31.77 -17.58
CA HIS C 27 11.00 -31.85 -17.48
C HIS C 27 10.37 -30.56 -16.97
N SER C 28 11.11 -29.46 -17.01
CA SER C 28 10.57 -28.15 -16.68
C SER C 28 10.08 -27.45 -17.95
N LEU C 29 9.36 -26.34 -17.76
CA LEU C 29 8.78 -25.65 -18.90
C LEU C 29 9.85 -25.10 -19.83
N LEU C 30 10.85 -24.43 -19.27
CA LEU C 30 11.93 -23.91 -20.10
C LEU C 30 12.73 -25.05 -20.72
N TRP C 31 12.81 -26.20 -20.05
CA TRP C 31 13.48 -27.36 -20.63
C TRP C 31 12.76 -27.86 -21.86
N LYS C 32 11.42 -27.89 -21.81
CA LYS C 32 10.65 -28.36 -22.96
C LYS C 32 10.86 -27.47 -24.17
N MET C 33 10.89 -26.15 -23.96
CA MET C 33 11.07 -25.23 -25.08
C MET C 33 12.44 -25.35 -25.73
N PHE C 34 13.50 -25.48 -24.94
CA PHE C 34 14.86 -25.40 -25.45
C PHE C 34 15.63 -26.73 -25.55
N SER C 35 15.02 -27.87 -25.20
CA SER C 35 15.83 -29.09 -25.26
C SER C 35 15.83 -29.77 -26.64
N PRO C 36 14.69 -30.08 -27.26
CA PRO C 36 14.74 -30.79 -28.54
C PRO C 36 14.96 -29.82 -29.69
N LYS C 37 15.26 -30.39 -30.86
CA LYS C 37 15.28 -29.62 -32.09
C LYS C 37 13.84 -29.37 -32.56
N ARG C 38 13.57 -28.13 -32.98
CA ARG C 38 12.22 -27.71 -33.31
C ARG C 38 12.18 -27.06 -34.68
N ASP C 39 11.04 -27.21 -35.36
CA ASP C 39 10.83 -26.65 -36.68
C ASP C 39 9.33 -26.44 -36.91
N ASP C 43 9.44 -22.36 -34.40
CA ASP C 43 8.11 -22.68 -33.88
C ASP C 43 7.85 -21.94 -32.57
N LEU C 44 8.91 -21.66 -31.83
CA LEU C 44 8.80 -20.87 -30.60
C LEU C 44 8.37 -19.44 -30.92
N ALA C 45 7.88 -18.76 -29.91
CA ALA C 45 7.43 -17.38 -30.06
C ALA C 45 8.57 -16.40 -29.83
N LYS C 46 8.72 -15.46 -30.76
CA LYS C 46 9.79 -14.46 -30.73
C LYS C 46 9.21 -13.09 -31.03
N ASP C 47 9.85 -12.05 -30.49
CA ASP C 47 9.40 -10.69 -30.70
C ASP C 47 10.00 -10.14 -32.00
N SER C 48 9.82 -8.84 -32.23
CA SER C 48 10.26 -8.21 -33.46
C SER C 48 11.77 -8.31 -33.65
N LYS C 49 12.54 -8.27 -32.57
CA LYS C 49 14.00 -8.30 -32.64
C LYS C 49 14.58 -9.70 -32.57
N GLY C 50 13.74 -10.73 -32.64
CA GLY C 50 14.20 -12.10 -32.68
C GLY C 50 14.42 -12.76 -31.35
N ARG C 51 14.25 -12.03 -30.26
CA ARG C 51 14.43 -12.61 -28.93
C ARG C 51 13.28 -13.53 -28.57
N PHE C 52 13.62 -14.67 -27.97
CA PHE C 52 12.60 -15.61 -27.53
C PHE C 52 11.71 -14.94 -26.47
N PHE C 53 10.40 -15.14 -26.62
CA PHE C 53 9.43 -14.43 -25.80
C PHE C 53 8.76 -15.39 -24.82
N ILE C 54 8.79 -15.02 -23.53
CA ILE C 54 8.03 -15.68 -22.48
C ILE C 54 6.96 -14.71 -22.02
N ASP C 55 5.69 -15.11 -22.09
CA ASP C 55 4.58 -14.23 -21.74
C ASP C 55 4.27 -14.36 -20.24
N ARG C 56 5.22 -13.88 -19.43
CA ARG C 56 5.07 -13.88 -17.98
C ARG C 56 5.64 -12.58 -17.42
N ASP C 57 5.46 -12.39 -16.12
CA ASP C 57 5.95 -11.18 -15.47
C ASP C 57 7.47 -11.10 -15.59
N GLY C 58 7.95 -10.01 -16.19
CA GLY C 58 9.37 -9.89 -16.45
C GLY C 58 10.20 -9.65 -15.21
N PHE C 59 9.64 -8.93 -14.23
CA PHE C 59 10.40 -8.60 -13.03
C PHE C 59 10.61 -9.83 -12.17
N LEU C 60 9.61 -10.73 -12.11
CA LEU C 60 9.74 -11.93 -11.30
C LEU C 60 10.63 -12.97 -11.96
N PHE C 61 10.87 -12.86 -13.27
CA PHE C 61 11.75 -13.81 -13.95
C PHE C 61 13.19 -13.69 -13.47
N ARG C 62 13.57 -12.53 -12.93
CA ARG C 62 14.91 -12.36 -12.37
C ARG C 62 15.23 -13.44 -11.35
N TYR C 63 14.25 -13.77 -10.49
CA TYR C 63 14.48 -14.76 -9.45
C TYR C 63 14.27 -16.18 -9.97
N ILE C 64 13.43 -16.35 -10.99
CA ILE C 64 13.32 -17.64 -11.65
C ILE C 64 14.64 -18.01 -12.33
N LEU C 65 15.26 -17.02 -13.00
CA LEU C 65 16.51 -17.29 -13.71
C LEU C 65 17.65 -17.56 -12.75
N ASP C 66 17.67 -16.89 -11.59
CA ASP C 66 18.72 -17.12 -10.62
C ASP C 66 18.62 -18.52 -10.02
N TYR C 67 17.40 -19.05 -9.88
CA TYR C 67 17.25 -20.42 -9.38
C TYR C 67 17.81 -21.42 -10.37
N LEU C 68 17.56 -21.21 -11.68
CA LEU C 68 18.08 -22.10 -12.70
C LEU C 68 19.60 -22.16 -12.69
N ARG C 69 20.27 -21.06 -12.31
CA ARG C 69 21.72 -21.06 -12.28
C ARG C 69 22.26 -21.88 -11.12
N ASP C 70 21.77 -21.62 -9.91
CA ASP C 70 22.37 -22.14 -8.69
C ASP C 70 21.57 -23.23 -7.98
N ARG C 71 20.34 -23.52 -8.43
CA ARG C 71 19.42 -24.39 -7.70
C ARG C 71 19.17 -23.87 -6.29
N GLN C 72 19.22 -22.56 -6.14
CA GLN C 72 18.94 -21.88 -4.87
C GLN C 72 18.68 -20.41 -5.19
N VAL C 73 17.99 -19.74 -4.27
CA VAL C 73 17.64 -18.35 -4.50
C VAL C 73 17.65 -17.57 -3.18
N VAL C 74 18.49 -16.54 -3.11
CA VAL C 74 18.45 -15.58 -2.02
C VAL C 74 17.59 -14.40 -2.45
N LEU C 75 16.49 -14.17 -1.73
CA LEU C 75 15.63 -13.04 -2.03
C LEU C 75 16.17 -11.78 -1.37
N PRO C 76 15.78 -10.60 -1.87
CA PRO C 76 16.16 -9.36 -1.20
C PRO C 76 15.54 -9.28 0.20
N ASP C 77 16.10 -8.38 1.00
CA ASP C 77 15.51 -8.08 2.30
C ASP C 77 14.11 -7.52 2.12
N HIS C 78 13.15 -8.10 2.84
CA HIS C 78 11.76 -7.63 2.86
C HIS C 78 11.12 -7.74 1.48
N PHE C 79 11.22 -8.92 0.88
CA PHE C 79 10.67 -9.13 -0.45
C PHE C 79 9.15 -9.14 -0.40
N PRO C 80 8.47 -8.16 -1.01
CA PRO C 80 7.00 -8.06 -0.83
C PRO C 80 6.19 -9.03 -1.66
N GLU C 81 6.78 -9.78 -2.58
CA GLU C 81 6.04 -10.65 -3.49
C GLU C 81 6.56 -12.08 -3.43
N LYS C 82 6.66 -12.63 -2.22
CA LYS C 82 7.02 -14.04 -2.10
C LYS C 82 5.91 -14.94 -2.65
N GLY C 83 4.66 -14.56 -2.38
CA GLY C 83 3.54 -15.36 -2.86
C GLY C 83 3.42 -15.36 -4.37
N ARG C 84 3.69 -14.23 -5.02
CA ARG C 84 3.59 -14.16 -6.46
C ARG C 84 4.70 -14.94 -7.13
N LEU C 85 5.91 -14.90 -6.58
CA LEU C 85 7.03 -15.63 -7.15
C LEU C 85 6.76 -17.12 -7.16
N LYS C 86 6.07 -17.63 -6.12
CA LYS C 86 5.70 -19.04 -6.11
C LYS C 86 4.78 -19.38 -7.28
N ARG C 87 3.84 -18.49 -7.60
CA ARG C 87 2.94 -18.73 -8.73
C ARG C 87 3.72 -18.76 -10.05
N GLU C 88 4.71 -17.88 -10.19
CA GLU C 88 5.54 -17.91 -11.38
C GLU C 88 6.37 -19.20 -11.44
N ALA C 89 6.84 -19.66 -10.29
CA ALA C 89 7.59 -20.92 -10.24
C ALA C 89 6.73 -22.10 -10.66
N GLU C 90 5.45 -22.08 -10.26
CA GLU C 90 4.54 -23.17 -10.65
C GLU C 90 4.35 -23.20 -12.16
N TYR C 91 4.21 -22.03 -12.79
CA TYR C 91 3.98 -21.98 -14.23
C TYR C 91 5.15 -22.61 -14.98
N PHE C 92 6.38 -22.29 -14.59
CA PHE C 92 7.57 -22.85 -15.21
C PHE C 92 7.84 -24.28 -14.79
N GLN C 93 7.04 -24.84 -13.89
CA GLN C 93 7.12 -26.23 -13.47
C GLN C 93 8.49 -26.52 -12.83
N LEU C 94 8.72 -25.88 -11.70
CA LEU C 94 9.93 -26.05 -10.90
C LEU C 94 9.50 -26.52 -9.51
N PRO C 95 9.29 -27.83 -9.33
CA PRO C 95 8.72 -28.32 -8.06
C PRO C 95 9.51 -27.93 -6.82
N ASP C 96 10.84 -28.05 -6.88
CA ASP C 96 11.65 -27.76 -5.69
C ASP C 96 11.61 -26.28 -5.33
N LEU C 97 11.53 -25.39 -6.31
CA LEU C 97 11.49 -23.96 -6.03
C LEU C 97 10.17 -23.57 -5.36
N VAL C 98 9.06 -24.20 -5.77
CA VAL C 98 7.78 -23.95 -5.10
C VAL C 98 7.85 -24.37 -3.65
N LYS C 99 8.53 -25.49 -3.37
CA LYS C 99 8.68 -25.97 -2.00
C LYS C 99 9.48 -24.98 -1.17
N LEU C 100 10.57 -24.45 -1.72
CA LEU C 100 11.40 -23.49 -0.99
C LEU C 100 10.62 -22.23 -0.62
N LEU C 101 9.66 -21.84 -1.44
CA LEU C 101 8.92 -20.60 -1.22
C LEU C 101 7.71 -20.78 -0.31
N THR C 102 7.27 -22.01 -0.07
CA THR C 102 6.19 -22.25 0.89
C THR C 102 6.74 -22.26 2.30
N PRO C 103 6.26 -21.39 3.20
CA PRO C 103 6.74 -21.31 4.59
C PRO C 103 6.45 -22.56 5.40
N MET D 1 -4.06 -8.81 -38.36
CA MET D 1 -3.95 -7.35 -38.33
C MET D 1 -2.91 -6.92 -37.31
N PHE D 2 -2.78 -7.70 -36.23
CA PHE D 2 -1.83 -7.42 -35.16
C PHE D 2 -0.74 -8.49 -35.13
N PRO D 3 0.46 -8.14 -34.65
CA PRO D 3 1.53 -9.14 -34.55
C PRO D 3 1.23 -10.14 -33.45
N GLU D 4 2.02 -11.21 -33.41
CA GLU D 4 1.82 -12.22 -32.38
C GLU D 4 2.17 -11.67 -31.00
N VAL D 5 3.22 -10.87 -30.92
CA VAL D 5 3.64 -10.24 -29.67
C VAL D 5 3.41 -8.74 -29.81
N VAL D 6 2.56 -8.19 -28.96
CA VAL D 6 2.16 -6.78 -29.01
C VAL D 6 3.02 -5.98 -28.05
N GLU D 7 3.44 -4.78 -28.48
CA GLU D 7 4.22 -3.87 -27.66
C GLU D 7 3.29 -2.83 -27.05
N LEU D 8 3.13 -2.87 -25.73
CA LEU D 8 2.25 -1.97 -25.01
C LEU D 8 3.05 -0.97 -24.17
N ASN D 9 2.51 0.24 -24.04
CA ASN D 9 3.03 1.25 -23.12
C ASN D 9 1.91 1.69 -22.21
N VAL D 10 1.98 1.30 -20.94
CA VAL D 10 0.96 1.62 -19.95
C VAL D 10 1.56 2.59 -18.94
N GLY D 11 1.15 3.85 -18.99
CA GLY D 11 1.62 4.86 -18.06
C GLY D 11 3.11 5.07 -18.05
N GLY D 12 3.79 4.72 -19.13
CA GLY D 12 5.22 4.87 -19.25
C GLY D 12 6.00 3.58 -19.08
N GLN D 13 5.33 2.49 -18.72
CA GLN D 13 5.96 1.18 -18.59
C GLN D 13 5.71 0.35 -19.85
N VAL D 14 6.78 -0.17 -20.43
CA VAL D 14 6.69 -0.97 -21.64
C VAL D 14 6.37 -2.40 -21.26
N TYR D 15 5.38 -2.98 -21.96
CA TYR D 15 4.99 -4.36 -21.72
C TYR D 15 4.91 -5.09 -23.04
N PHE D 16 5.41 -6.32 -23.05
CA PHE D 16 5.27 -7.22 -24.18
C PHE D 16 4.33 -8.34 -23.75
N THR D 17 3.41 -8.71 -24.63
CA THR D 17 2.50 -9.80 -24.35
C THR D 17 1.96 -10.33 -25.67
N ARG D 18 1.44 -11.56 -25.62
CA ARG D 18 0.88 -12.16 -26.81
C ARG D 18 -0.48 -11.54 -27.14
N HIS D 19 -0.81 -11.51 -28.43
CA HIS D 19 -2.11 -11.01 -28.87
C HIS D 19 -3.24 -11.82 -28.26
N SER D 20 -3.04 -13.11 -28.05
CA SER D 20 -4.07 -13.96 -27.45
C SER D 20 -4.39 -13.53 -26.03
N THR D 21 -3.41 -12.97 -25.31
CA THR D 21 -3.63 -12.58 -23.93
C THR D 21 -4.57 -11.37 -23.85
N LEU D 22 -4.46 -10.44 -24.79
CA LEU D 22 -5.31 -9.25 -24.76
C LEU D 22 -6.77 -9.58 -25.04
N ILE D 23 -7.02 -10.56 -25.89
CA ILE D 23 -8.39 -10.96 -26.25
C ILE D 23 -8.85 -12.17 -25.43
N SER D 24 -8.16 -12.47 -24.33
CA SER D 24 -8.49 -13.65 -23.54
C SER D 24 -9.88 -13.57 -22.93
N ILE D 25 -10.35 -12.35 -22.63
CA ILE D 25 -11.66 -12.16 -22.03
C ILE D 25 -12.55 -11.43 -23.01
N PRO D 26 -13.46 -12.11 -23.69
CA PRO D 26 -14.32 -11.44 -24.67
C PRO D 26 -15.15 -10.32 -24.05
N HIS D 27 -15.49 -9.33 -24.87
CA HIS D 27 -16.32 -8.19 -24.50
C HIS D 27 -15.69 -7.32 -23.43
N SER D 28 -14.38 -7.45 -23.20
CA SER D 28 -13.66 -6.58 -22.29
C SER D 28 -13.05 -5.41 -23.05
N LEU D 29 -12.54 -4.43 -22.30
CA LEU D 29 -12.01 -3.23 -22.92
C LEU D 29 -10.80 -3.54 -23.80
N LEU D 30 -9.85 -4.31 -23.26
CA LEU D 30 -8.69 -4.68 -24.07
C LEU D 30 -9.08 -5.58 -25.23
N TRP D 31 -10.16 -6.34 -25.07
CA TRP D 31 -10.67 -7.14 -26.19
C TRP D 31 -11.24 -6.24 -27.27
N LYS D 32 -11.98 -5.20 -26.88
CA LYS D 32 -12.57 -4.27 -27.85
C LYS D 32 -11.49 -3.53 -28.64
N MET D 33 -10.34 -3.27 -28.02
CA MET D 33 -9.29 -2.51 -28.69
C MET D 33 -8.62 -3.33 -29.79
N PHE D 34 -8.26 -4.57 -29.49
CA PHE D 34 -7.42 -5.38 -30.35
C PHE D 34 -8.17 -6.44 -31.14
N SER D 35 -9.51 -6.44 -31.09
CA SER D 35 -10.28 -7.40 -31.88
C SER D 35 -10.47 -6.89 -33.30
N PRO D 36 -10.05 -7.66 -34.33
CA PRO D 36 -10.16 -7.34 -35.76
C PRO D 36 -11.56 -6.88 -36.17
N ASP D 43 -6.26 3.21 -35.86
CA ASP D 43 -7.21 4.05 -35.14
C ASP D 43 -6.91 4.06 -33.65
N LEU D 44 -5.88 3.33 -33.25
CA LEU D 44 -5.45 3.24 -31.86
C LEU D 44 -4.41 4.32 -31.57
N ALA D 45 -4.11 4.50 -30.28
CA ALA D 45 -3.14 5.48 -29.83
C ALA D 45 -1.79 4.81 -29.60
N LYS D 46 -0.73 5.45 -30.09
CA LYS D 46 0.62 4.90 -30.02
C LYS D 46 1.57 5.95 -29.46
N ASP D 47 2.62 5.49 -28.77
CA ASP D 47 3.55 6.39 -28.11
C ASP D 47 4.63 6.85 -29.09
N SER D 48 5.68 7.46 -28.53
CA SER D 48 6.77 7.98 -29.35
C SER D 48 7.49 6.88 -30.13
N LYS D 49 7.65 5.71 -29.52
CA LYS D 49 8.37 4.60 -30.13
C LYS D 49 7.47 3.62 -30.86
N GLY D 50 6.19 3.96 -31.06
CA GLY D 50 5.27 3.14 -31.81
C GLY D 50 4.52 2.08 -31.02
N ARG D 51 4.74 1.98 -29.71
CA ARG D 51 3.99 1.01 -28.91
C ARG D 51 2.62 1.58 -28.56
N PHE D 52 1.62 0.70 -28.54
CA PHE D 52 0.27 1.11 -28.18
C PHE D 52 0.28 1.68 -26.77
N PHE D 53 -0.37 2.82 -26.59
CA PHE D 53 -0.31 3.57 -25.33
C PHE D 53 -1.62 3.47 -24.58
N ILE D 54 -1.53 3.14 -23.30
CA ILE D 54 -2.67 3.12 -22.38
C ILE D 54 -2.35 4.08 -21.25
N ASP D 55 -3.22 5.07 -21.04
CA ASP D 55 -2.99 6.11 -20.03
C ASP D 55 -3.60 5.67 -18.69
N ARG D 56 -2.96 4.67 -18.08
CA ARG D 56 -3.40 4.13 -16.80
C ARG D 56 -2.18 3.86 -15.92
N ASP D 57 -2.46 3.48 -14.68
CA ASP D 57 -1.43 3.24 -13.67
C ASP D 57 -0.48 2.13 -14.11
N GLY D 58 0.82 2.45 -14.17
CA GLY D 58 1.79 1.49 -14.61
C GLY D 58 2.07 0.39 -13.61
N PHE D 59 2.02 0.71 -12.31
CA PHE D 59 2.31 -0.29 -11.30
C PHE D 59 1.20 -1.33 -11.23
N LEU D 60 -0.05 -0.89 -11.32
CA LEU D 60 -1.19 -1.78 -11.18
C LEU D 60 -1.47 -2.60 -12.44
N PHE D 61 -0.94 -2.17 -13.60
CA PHE D 61 -1.19 -2.93 -14.82
C PHE D 61 -0.54 -4.30 -14.81
N ARG D 62 0.44 -4.53 -13.92
CA ARG D 62 1.09 -5.84 -13.88
C ARG D 62 0.07 -6.92 -13.54
N TYR D 63 -0.73 -6.64 -12.49
CA TYR D 63 -1.72 -7.59 -12.01
C TYR D 63 -2.85 -7.77 -13.02
N ILE D 64 -3.30 -6.67 -13.62
CA ILE D 64 -4.35 -6.74 -14.64
C ILE D 64 -3.88 -7.63 -15.78
N LEU D 65 -2.61 -7.48 -16.19
CA LEU D 65 -2.10 -8.28 -17.28
C LEU D 65 -1.95 -9.75 -16.88
N ASP D 66 -1.59 -10.01 -15.62
CA ASP D 66 -1.48 -11.39 -15.16
C ASP D 66 -2.84 -12.07 -15.08
N TYR D 67 -3.90 -11.30 -14.79
CA TYR D 67 -5.23 -11.88 -14.76
C TYR D 67 -5.62 -12.38 -16.14
N LEU D 68 -5.28 -11.61 -17.17
CA LEU D 68 -5.54 -12.05 -18.55
C LEU D 68 -4.80 -13.34 -18.86
N ARG D 69 -3.63 -13.55 -18.24
CA ARG D 69 -2.86 -14.76 -18.52
C ARG D 69 -3.49 -15.99 -17.89
N ASP D 70 -3.78 -15.93 -16.59
CA ASP D 70 -4.16 -17.11 -15.82
C ASP D 70 -5.63 -17.15 -15.42
N ARG D 71 -6.41 -16.10 -15.70
CA ARG D 71 -7.78 -15.97 -15.20
C ARG D 71 -7.81 -15.98 -13.67
N GLN D 72 -6.73 -15.51 -13.06
CA GLN D 72 -6.58 -15.37 -11.61
C GLN D 72 -5.37 -14.49 -11.36
N VAL D 73 -5.31 -13.93 -10.16
CA VAL D 73 -4.23 -12.98 -9.83
C VAL D 73 -3.85 -13.15 -8.36
N VAL D 74 -2.57 -13.39 -8.13
CA VAL D 74 -2.00 -13.39 -6.79
C VAL D 74 -1.51 -11.99 -6.46
N LEU D 75 -2.08 -11.40 -5.41
CA LEU D 75 -1.67 -10.07 -5.00
C LEU D 75 -0.35 -10.13 -4.22
N PRO D 76 0.38 -9.02 -4.14
CA PRO D 76 1.58 -9.00 -3.30
C PRO D 76 1.24 -9.22 -1.83
N ASP D 77 2.26 -9.63 -1.08
CA ASP D 77 2.10 -9.81 0.35
C ASP D 77 1.78 -8.46 0.99
N HIS D 78 0.75 -8.42 1.83
CA HIS D 78 0.32 -7.20 2.52
C HIS D 78 0.03 -6.09 1.50
N PHE D 79 -0.91 -6.38 0.60
CA PHE D 79 -1.36 -5.41 -0.38
C PHE D 79 -2.57 -4.67 0.17
N PRO D 80 -2.44 -3.41 0.57
CA PRO D 80 -3.59 -2.66 1.10
C PRO D 80 -4.21 -1.67 0.13
N GLU D 81 -3.84 -1.71 -1.15
CA GLU D 81 -4.37 -0.82 -2.18
C GLU D 81 -5.34 -1.56 -3.08
N LYS D 82 -6.03 -2.58 -2.53
CA LYS D 82 -6.94 -3.39 -3.33
C LYS D 82 -8.03 -2.54 -3.97
N GLY D 83 -8.58 -1.58 -3.23
CA GLY D 83 -9.56 -0.68 -3.80
C GLY D 83 -9.05 0.02 -5.04
N ARG D 84 -7.75 0.37 -5.06
CA ARG D 84 -7.18 1.00 -6.23
C ARG D 84 -7.09 0.04 -7.40
N LEU D 85 -6.67 -1.21 -7.13
CA LEU D 85 -6.65 -2.23 -8.17
C LEU D 85 -8.05 -2.51 -8.69
N LYS D 86 -9.07 -2.37 -7.84
CA LYS D 86 -10.45 -2.56 -8.29
C LYS D 86 -10.83 -1.51 -9.33
N ARG D 87 -10.41 -0.26 -9.10
CA ARG D 87 -10.71 0.82 -10.04
C ARG D 87 -10.14 0.52 -11.43
N GLU D 88 -8.91 0.01 -11.48
CA GLU D 88 -8.31 -0.36 -12.76
C GLU D 88 -9.07 -1.51 -13.41
N ALA D 89 -9.50 -2.49 -12.61
CA ALA D 89 -10.28 -3.60 -13.14
C ALA D 89 -11.60 -3.11 -13.74
N GLU D 90 -12.23 -2.13 -13.11
CA GLU D 90 -13.46 -1.56 -13.67
C GLU D 90 -13.19 -0.85 -14.99
N TYR D 91 -12.09 -0.10 -15.08
CA TYR D 91 -11.79 0.62 -16.31
C TYR D 91 -11.59 -0.34 -17.48
N PHE D 92 -10.82 -1.40 -17.26
CA PHE D 92 -10.57 -2.40 -18.30
C PHE D 92 -11.75 -3.35 -18.50
N GLN D 93 -12.81 -3.21 -17.70
CA GLN D 93 -14.06 -3.95 -17.88
C GLN D 93 -13.84 -5.46 -17.76
N LEU D 94 -13.43 -5.87 -16.55
CA LEU D 94 -13.23 -7.28 -16.21
C LEU D 94 -14.14 -7.60 -15.03
N PRO D 95 -15.41 -7.93 -15.29
CA PRO D 95 -16.38 -8.08 -14.19
C PRO D 95 -15.99 -9.11 -13.15
N ASP D 96 -15.48 -10.28 -13.57
CA ASP D 96 -15.16 -11.32 -12.59
C ASP D 96 -14.01 -10.93 -11.68
N LEU D 97 -13.04 -10.17 -12.21
CA LEU D 97 -11.93 -9.71 -11.38
C LEU D 97 -12.38 -8.67 -10.36
N VAL D 98 -13.34 -7.83 -10.74
CA VAL D 98 -13.90 -6.83 -9.82
C VAL D 98 -14.53 -7.51 -8.60
N LYS D 99 -15.24 -8.61 -8.81
CA LYS D 99 -15.85 -9.30 -7.67
C LYS D 99 -14.79 -9.97 -6.80
N LEU D 100 -13.73 -10.50 -7.41
CA LEU D 100 -12.67 -11.11 -6.62
C LEU D 100 -12.03 -10.10 -5.69
N LEU D 101 -11.93 -8.83 -6.13
CA LEU D 101 -11.33 -7.77 -5.36
C LEU D 101 -12.33 -7.07 -4.45
N THR D 102 -13.63 -7.26 -4.69
CA THR D 102 -14.65 -6.70 -3.82
C THR D 102 -14.89 -7.63 -2.63
N PRO D 103 -14.81 -7.11 -1.40
CA PRO D 103 -15.13 -7.90 -0.20
C PRO D 103 -16.63 -8.02 0.03
N MET E 1 -21.86 -26.99 39.71
CA MET E 1 -23.18 -27.10 39.10
C MET E 1 -23.53 -25.82 38.36
N PHE E 2 -23.31 -25.83 37.06
CA PHE E 2 -23.60 -24.66 36.24
C PHE E 2 -25.06 -24.66 35.82
N PRO E 3 -25.64 -23.48 35.57
CA PRO E 3 -27.05 -23.39 35.19
C PRO E 3 -27.23 -23.76 33.71
N GLU E 4 -28.49 -23.73 33.27
CA GLU E 4 -28.80 -24.08 31.90
C GLU E 4 -28.13 -23.11 30.93
N VAL E 5 -28.15 -21.82 31.28
CA VAL E 5 -27.58 -20.75 30.47
C VAL E 5 -26.38 -20.20 31.22
N VAL E 6 -25.25 -20.11 30.53
CA VAL E 6 -24.01 -19.65 31.13
C VAL E 6 -23.72 -18.24 30.65
N GLU E 7 -23.40 -17.34 31.58
CA GLU E 7 -23.10 -15.96 31.26
C GLU E 7 -21.59 -15.87 31.02
N LEU E 8 -21.18 -15.61 29.80
CA LEU E 8 -19.77 -15.60 29.46
C LEU E 8 -19.29 -14.19 29.13
N ASN E 9 -18.20 -13.79 29.77
CA ASN E 9 -17.53 -12.52 29.51
C ASN E 9 -16.19 -12.85 28.87
N VAL E 10 -15.97 -12.42 27.64
CA VAL E 10 -14.75 -12.77 26.91
C VAL E 10 -14.08 -11.48 26.46
N GLY E 11 -13.06 -11.05 27.19
CA GLY E 11 -12.30 -9.88 26.77
C GLY E 11 -13.10 -8.59 26.71
N GLY E 12 -14.13 -8.47 27.55
CA GLY E 12 -14.96 -7.28 27.54
C GLY E 12 -16.20 -7.42 26.70
N GLN E 13 -16.41 -8.59 26.09
CA GLN E 13 -17.55 -8.89 25.26
C GLN E 13 -18.31 -10.01 25.95
N VAL E 14 -19.60 -9.82 26.20
CA VAL E 14 -20.37 -10.81 26.95
C VAL E 14 -21.29 -11.56 25.98
N TYR E 15 -21.14 -12.89 25.98
CA TYR E 15 -21.91 -13.81 25.18
C TYR E 15 -22.71 -14.72 26.11
N PHE E 16 -23.82 -15.23 25.61
CA PHE E 16 -24.66 -16.13 26.38
C PHE E 16 -24.82 -17.40 25.56
N THR E 17 -24.76 -18.54 26.22
CA THR E 17 -24.98 -19.81 25.53
C THR E 17 -25.45 -20.85 26.53
N ARG E 18 -25.96 -21.96 26.00
CA ARG E 18 -26.39 -23.06 26.85
C ARG E 18 -25.16 -23.77 27.40
N HIS E 19 -25.31 -24.38 28.58
CA HIS E 19 -24.18 -25.08 29.16
C HIS E 19 -23.76 -26.24 28.25
N SER E 20 -24.74 -26.90 27.64
CA SER E 20 -24.48 -28.07 26.79
C SER E 20 -23.51 -27.74 25.66
N THR E 21 -23.56 -26.51 25.14
CA THR E 21 -22.68 -26.13 24.03
C THR E 21 -21.23 -26.02 24.47
N LEU E 22 -20.98 -25.57 25.70
CA LEU E 22 -19.60 -25.39 26.14
C LEU E 22 -18.88 -26.73 26.29
N ILE E 23 -19.59 -27.76 26.72
CA ILE E 23 -19.00 -29.07 26.94
C ILE E 23 -19.27 -30.02 25.76
N SER E 24 -19.66 -29.47 24.61
CA SER E 24 -20.01 -30.31 23.47
C SER E 24 -18.82 -31.08 22.93
N ILE E 25 -17.61 -30.55 23.07
CA ILE E 25 -16.42 -31.22 22.53
C ILE E 25 -15.51 -31.66 23.68
N PRO E 26 -15.50 -32.94 24.03
CA PRO E 26 -14.61 -33.41 25.11
C PRO E 26 -13.15 -33.15 24.81
N HIS E 27 -12.37 -33.05 25.88
CA HIS E 27 -10.93 -32.79 25.84
C HIS E 27 -10.59 -31.44 25.21
N SER E 28 -11.57 -30.57 25.08
CA SER E 28 -11.32 -29.20 24.69
C SER E 28 -11.20 -28.34 25.94
N LEU E 29 -10.71 -27.11 25.76
CA LEU E 29 -10.51 -26.23 26.91
C LEU E 29 -11.84 -25.85 27.55
N LEU E 30 -12.82 -25.47 26.73
CA LEU E 30 -14.12 -25.10 27.28
C LEU E 30 -14.79 -26.29 27.95
N TRP E 31 -14.50 -27.50 27.47
CA TRP E 31 -14.97 -28.70 28.16
C TRP E 31 -14.25 -28.87 29.49
N LYS E 32 -12.92 -28.64 29.49
CA LYS E 32 -12.14 -28.76 30.72
C LYS E 32 -12.58 -27.75 31.76
N MET E 33 -13.02 -26.57 31.33
CA MET E 33 -13.40 -25.53 32.28
C MET E 33 -14.75 -25.81 32.93
N PHE E 34 -15.74 -26.20 32.14
CA PHE E 34 -17.12 -26.26 32.60
C PHE E 34 -17.64 -27.67 32.88
N SER E 35 -16.80 -28.70 32.75
CA SER E 35 -17.21 -30.06 33.15
C SER E 35 -16.92 -30.26 34.63
N PRO E 36 -17.94 -30.58 35.45
CA PRO E 36 -17.81 -30.82 36.90
C PRO E 36 -16.71 -31.81 37.26
N LEU E 44 -13.90 -21.06 36.26
CA LEU E 44 -14.32 -20.59 37.58
C LEU E 44 -13.79 -19.19 37.89
N ALA E 45 -13.23 -18.51 36.88
CA ALA E 45 -12.78 -17.13 37.03
C ALA E 45 -13.92 -16.21 36.64
N LYS E 46 -14.18 -15.20 37.46
CA LYS E 46 -15.34 -14.34 37.27
C LYS E 46 -14.95 -12.87 37.27
N ASP E 47 -15.70 -12.09 36.50
CA ASP E 47 -15.50 -10.65 36.40
C ASP E 47 -16.25 -9.95 37.53
N SER E 48 -16.33 -8.62 37.46
CA SER E 48 -16.96 -7.85 38.54
C SER E 48 -18.43 -8.21 38.71
N LYS E 49 -19.12 -8.55 37.63
CA LYS E 49 -20.54 -8.85 37.68
C LYS E 49 -20.84 -10.34 37.84
N GLY E 50 -19.82 -11.16 38.08
CA GLY E 50 -20.02 -12.57 38.35
C GLY E 50 -20.07 -13.46 37.12
N ARG E 51 -20.04 -12.88 35.93
CA ARG E 51 -20.03 -13.67 34.71
C ARG E 51 -18.68 -14.34 34.52
N PHE E 52 -18.70 -15.60 34.06
CA PHE E 52 -17.46 -16.33 33.83
C PHE E 52 -16.64 -15.63 32.76
N PHE E 53 -15.33 -15.50 33.02
CA PHE E 53 -14.45 -14.71 32.17
C PHE E 53 -13.49 -15.61 31.40
N ILE E 54 -13.45 -15.41 30.09
CA ILE E 54 -12.45 -16.03 29.21
C ILE E 54 -11.53 -14.93 28.72
N ASP E 55 -10.23 -15.09 28.96
CA ASP E 55 -9.25 -14.06 28.60
C ASP E 55 -8.76 -14.27 27.17
N ARG E 56 -9.67 -14.03 26.22
CA ARG E 56 -9.36 -14.12 24.80
C ARG E 56 -10.09 -13.00 24.07
N ASP E 57 -9.80 -12.87 22.77
CA ASP E 57 -10.43 -11.85 21.95
C ASP E 57 -11.94 -12.04 21.89
N GLY E 58 -12.68 -11.00 22.29
CA GLY E 58 -14.13 -11.12 22.35
C GLY E 58 -14.77 -11.17 20.98
N PHE E 59 -14.20 -10.46 20.00
CA PHE E 59 -14.80 -10.43 18.67
C PHE E 59 -14.66 -11.77 17.96
N LEU E 60 -13.52 -12.44 18.13
CA LEU E 60 -13.31 -13.73 17.48
C LEU E 60 -14.04 -14.86 18.20
N PHE E 61 -14.41 -14.68 19.46
CA PHE E 61 -15.14 -15.72 20.17
C PHE E 61 -16.53 -15.93 19.59
N ARG E 62 -17.07 -14.91 18.91
CA ARG E 62 -18.36 -15.02 18.25
C ARG E 62 -18.42 -16.21 17.31
N TYR E 63 -17.37 -16.44 16.54
CA TYR E 63 -17.36 -17.53 15.58
C TYR E 63 -16.95 -18.85 16.21
N ILE E 64 -16.17 -18.81 17.29
CA ILE E 64 -15.88 -20.03 18.05
C ILE E 64 -17.17 -20.58 18.64
N LEU E 65 -18.01 -19.70 19.16
CA LEU E 65 -19.25 -20.13 19.78
C LEU E 65 -20.21 -20.73 18.76
N ASP E 66 -20.21 -20.22 17.53
CA ASP E 66 -21.05 -20.79 16.48
C ASP E 66 -20.57 -22.17 16.06
N TYR E 67 -19.26 -22.44 16.17
CA TYR E 67 -18.78 -23.78 15.85
C TYR E 67 -19.33 -24.80 16.84
N LEU E 68 -19.30 -24.47 18.13
CA LEU E 68 -19.83 -25.38 19.14
C LEU E 68 -21.31 -25.66 18.92
N ARG E 69 -22.05 -24.67 18.40
CA ARG E 69 -23.48 -24.85 18.18
C ARG E 69 -23.75 -25.77 16.99
N ASP E 70 -23.15 -25.48 15.84
CA ASP E 70 -23.50 -26.14 14.58
C ASP E 70 -22.46 -27.13 14.07
N ARG E 71 -21.30 -27.23 14.73
CA ARG E 71 -20.17 -28.03 14.23
C ARG E 71 -19.74 -27.56 12.85
N GLN E 72 -19.96 -26.27 12.58
CA GLN E 72 -19.59 -25.63 11.33
C GLN E 72 -19.63 -24.13 11.58
N VAL E 73 -18.95 -23.38 10.72
CA VAL E 73 -18.87 -21.92 10.88
C VAL E 73 -18.92 -21.29 9.49
N VAL E 74 -19.93 -20.45 9.27
CA VAL E 74 -19.99 -19.60 8.10
C VAL E 74 -19.33 -18.29 8.48
N LEU E 75 -18.22 -17.97 7.84
CA LEU E 75 -17.55 -16.72 8.12
C LEU E 75 -18.20 -15.59 7.31
N PRO E 76 -18.03 -14.35 7.74
CA PRO E 76 -18.57 -13.23 6.96
C PRO E 76 -17.91 -13.19 5.60
N ASP E 77 -18.64 -12.68 4.61
CA ASP E 77 -18.13 -12.67 3.25
C ASP E 77 -16.77 -11.97 3.20
N HIS E 78 -15.81 -12.62 2.54
CA HIS E 78 -14.44 -12.13 2.43
C HIS E 78 -13.87 -11.78 3.80
N PHE E 79 -14.01 -12.73 4.73
CA PHE E 79 -13.53 -12.53 6.09
C PHE E 79 -12.03 -12.27 6.10
N PRO E 80 -11.56 -11.25 6.83
CA PRO E 80 -10.13 -10.94 6.84
C PRO E 80 -9.32 -11.59 7.96
N GLU E 81 -9.95 -12.31 8.88
CA GLU E 81 -9.21 -12.83 10.03
C GLU E 81 -9.36 -14.34 10.12
N LYS E 82 -9.16 -15.03 9.00
CA LYS E 82 -9.18 -16.49 9.02
C LYS E 82 -7.97 -17.03 9.77
N GLY E 83 -6.80 -16.41 9.57
CA GLY E 83 -5.61 -16.85 10.26
C GLY E 83 -5.70 -16.65 11.76
N ARG E 84 -6.33 -15.56 12.19
CA ARG E 84 -6.45 -15.28 13.61
C ARG E 84 -7.42 -16.25 14.29
N LEU E 85 -8.52 -16.57 13.61
CA LEU E 85 -9.50 -17.49 14.17
C LEU E 85 -8.90 -18.87 14.41
N LYS E 86 -7.97 -19.29 13.55
CA LYS E 86 -7.29 -20.57 13.75
C LYS E 86 -6.56 -20.60 15.09
N ARG E 87 -5.91 -19.48 15.46
CA ARG E 87 -5.18 -19.45 16.72
C ARG E 87 -6.13 -19.57 17.91
N GLU E 88 -7.29 -18.92 17.85
CA GLU E 88 -8.28 -19.08 18.91
C GLU E 88 -8.80 -20.51 18.97
N ALA E 89 -9.00 -21.13 17.81
CA ALA E 89 -9.42 -22.53 17.78
C ALA E 89 -8.36 -23.43 18.41
N GLU E 90 -7.08 -23.10 18.21
CA GLU E 90 -6.01 -23.86 18.84
C GLU E 90 -6.05 -23.69 20.36
N TYR E 91 -6.26 -22.47 20.84
CA TYR E 91 -6.31 -22.23 22.28
C TYR E 91 -7.45 -23.00 22.93
N PHE E 92 -8.65 -22.93 22.34
CA PHE E 92 -9.80 -23.65 22.86
C PHE E 92 -9.78 -25.13 22.53
N GLN E 93 -8.77 -25.59 21.78
CA GLN E 93 -8.56 -27.00 21.49
C GLN E 93 -9.74 -27.58 20.70
N LEU E 94 -9.87 -27.06 19.47
CA LEU E 94 -10.90 -27.49 18.51
C LEU E 94 -10.22 -28.02 17.27
N PRO E 95 -9.81 -29.30 17.27
CA PRO E 95 -9.03 -29.83 16.14
C PRO E 95 -9.72 -29.72 14.80
N ASP E 96 -11.01 -30.06 14.73
CA ASP E 96 -11.71 -30.02 13.44
C ASP E 96 -11.87 -28.59 12.94
N LEU E 97 -12.05 -27.62 13.84
CA LEU E 97 -12.16 -26.24 13.42
C LEU E 97 -10.83 -25.72 12.90
N VAL E 98 -9.72 -26.15 13.50
CA VAL E 98 -8.41 -25.80 12.99
C VAL E 98 -8.22 -26.38 11.59
N LYS E 99 -8.68 -27.62 11.38
CA LYS E 99 -8.60 -28.23 10.05
C LYS E 99 -9.42 -27.46 9.03
N LEU E 100 -10.64 -27.07 9.40
CA LEU E 100 -11.50 -26.32 8.49
C LEU E 100 -10.87 -25.00 8.08
N LEU E 101 -10.11 -24.38 8.98
CA LEU E 101 -9.51 -23.08 8.71
C LEU E 101 -8.15 -23.18 8.03
N THR E 102 -7.49 -24.33 8.12
CA THR E 102 -6.28 -24.57 7.34
C THR E 102 -6.68 -25.11 5.98
N PRO E 103 -6.44 -24.37 4.88
CA PRO E 103 -6.85 -24.78 3.53
C PRO E 103 -6.16 -26.07 3.07
N MET F 1 -3.88 -3.29 45.45
CA MET F 1 -4.85 -4.38 45.56
C MET F 1 -5.66 -4.53 44.28
N PHE F 2 -5.02 -5.08 43.25
CA PHE F 2 -5.69 -5.25 41.98
C PHE F 2 -6.50 -6.55 41.97
N PRO F 3 -7.49 -6.66 41.09
CA PRO F 3 -8.30 -7.88 41.05
C PRO F 3 -7.71 -8.89 40.10
N GLU F 4 -8.30 -10.09 40.02
CA GLU F 4 -7.76 -11.07 39.11
C GLU F 4 -8.14 -10.74 37.67
N VAL F 5 -9.37 -10.30 37.45
CA VAL F 5 -9.84 -9.80 36.16
C VAL F 5 -9.89 -8.28 36.20
N VAL F 6 -9.01 -7.63 35.42
CA VAL F 6 -8.87 -6.18 35.44
C VAL F 6 -9.76 -5.59 34.36
N GLU F 7 -10.54 -4.58 34.72
CA GLU F 7 -11.43 -3.90 33.78
C GLU F 7 -10.72 -2.64 33.27
N LEU F 8 -10.39 -2.64 31.98
CA LEU F 8 -9.62 -1.57 31.35
C LEU F 8 -10.50 -0.74 30.42
N ASN F 9 -10.16 0.55 30.34
CA ASN F 9 -10.73 1.48 29.37
C ASN F 9 -9.57 2.10 28.61
N VAL F 10 -9.40 1.74 27.34
CA VAL F 10 -8.32 2.23 26.51
C VAL F 10 -8.90 3.16 25.45
N GLY F 11 -8.72 4.47 25.63
CA GLY F 11 -9.19 5.44 24.66
C GLY F 11 -10.66 5.38 24.35
N GLY F 12 -11.47 4.82 25.25
CA GLY F 12 -12.90 4.69 25.05
C GLY F 12 -13.36 3.29 24.68
N GLN F 13 -12.44 2.37 24.47
CA GLN F 13 -12.77 0.97 24.21
C GLN F 13 -12.54 0.18 25.49
N VAL F 14 -13.58 -0.52 25.94
CA VAL F 14 -13.53 -1.26 27.19
C VAL F 14 -12.93 -2.63 26.92
N TYR F 15 -11.95 -3.02 27.73
CA TYR F 15 -11.31 -4.32 27.64
C TYR F 15 -11.20 -4.91 29.03
N PHE F 16 -11.44 -6.22 29.11
CA PHE F 16 -11.22 -7.00 30.31
C PHE F 16 -10.05 -7.95 30.07
N THR F 17 -9.18 -8.07 31.06
CA THR F 17 -8.05 -9.00 30.98
C THR F 17 -7.58 -9.29 32.40
N ARG F 18 -6.82 -10.37 32.54
CA ARG F 18 -6.29 -10.71 33.86
C ARG F 18 -5.16 -9.78 34.26
N HIS F 19 -5.04 -9.55 35.57
CA HIS F 19 -3.94 -8.76 36.09
C HIS F 19 -2.58 -9.40 35.78
N SER F 20 -2.52 -10.73 35.81
CA SER F 20 -1.27 -11.41 35.50
C SER F 20 -0.84 -11.16 34.06
N THR F 21 -1.80 -10.95 33.17
CA THR F 21 -1.47 -10.73 31.76
C THR F 21 -0.81 -9.37 31.56
N LEU F 22 -1.25 -8.36 32.30
CA LEU F 22 -0.72 -7.00 32.12
C LEU F 22 0.74 -6.91 32.56
N ILE F 23 1.11 -7.63 33.62
CA ILE F 23 2.44 -7.57 34.18
C ILE F 23 3.31 -8.75 33.71
N SER F 24 2.90 -9.42 32.63
CA SER F 24 3.62 -10.60 32.17
C SER F 24 5.03 -10.28 31.70
N ILE F 25 5.26 -9.06 31.21
CA ILE F 25 6.56 -8.67 30.68
C ILE F 25 7.19 -7.63 31.59
N PRO F 26 8.18 -7.99 32.40
CA PRO F 26 8.77 -7.04 33.35
C PRO F 26 9.36 -5.82 32.65
N HIS F 27 9.37 -4.70 33.38
CA HIS F 27 9.97 -3.44 32.93
C HIS F 27 9.33 -2.88 31.68
N SER F 28 8.13 -3.34 31.33
CA SER F 28 7.35 -2.72 30.27
C SER F 28 6.42 -1.68 30.89
N LEU F 29 5.80 -0.87 30.04
CA LEU F 29 4.96 0.20 30.55
C LEU F 29 3.75 -0.37 31.29
N LEU F 30 3.08 -1.37 30.70
CA LEU F 30 1.93 -1.98 31.36
C LEU F 30 2.34 -2.70 32.63
N TRP F 31 3.58 -3.20 32.69
CA TRP F 31 4.09 -3.78 33.92
C TRP F 31 4.28 -2.72 34.99
N LYS F 32 4.84 -1.57 34.61
CA LYS F 32 5.08 -0.49 35.56
C LYS F 32 3.78 0.07 36.12
N MET F 33 2.71 0.04 35.33
CA MET F 33 1.45 0.64 35.76
C MET F 33 0.77 -0.20 36.83
N PHE F 34 0.73 -1.52 36.62
CA PHE F 34 -0.06 -2.40 37.46
C PHE F 34 0.77 -3.14 38.51
N SER F 35 2.06 -2.86 38.58
CA SER F 35 2.93 -3.35 39.66
C SER F 35 2.89 -2.37 40.83
N PRO F 36 2.57 -2.83 42.05
CA PRO F 36 2.48 -2.01 43.26
C PRO F 36 3.68 -1.09 43.47
N ASP F 43 -2.50 6.14 42.30
CA ASP F 43 -1.87 7.03 41.32
C ASP F 43 -2.46 6.83 39.93
N LEU F 44 -3.06 5.66 39.69
CA LEU F 44 -3.61 5.37 38.37
C LEU F 44 -4.86 6.18 38.10
N ALA F 45 -5.08 6.48 36.82
CA ALA F 45 -6.24 7.23 36.38
C ALA F 45 -7.40 6.31 36.03
N LYS F 46 -8.59 6.69 36.47
CA LYS F 46 -9.81 5.91 36.27
C LYS F 46 -10.86 6.80 35.65
N ASP F 47 -11.73 6.21 34.83
CA ASP F 47 -12.76 6.95 34.14
C ASP F 47 -13.98 7.10 35.04
N SER F 48 -15.09 7.59 34.48
CA SER F 48 -16.29 7.83 35.27
C SER F 48 -16.83 6.55 35.89
N LYS F 49 -16.65 5.41 35.22
CA LYS F 49 -17.16 4.14 35.68
C LYS F 49 -16.13 3.36 36.50
N GLY F 50 -15.00 3.97 36.84
CA GLY F 50 -14.00 3.36 37.70
C GLY F 50 -12.99 2.47 37.00
N ARG F 51 -13.14 2.27 35.69
CA ARG F 51 -12.21 1.43 34.94
C ARG F 51 -10.87 2.12 34.73
N PHE F 52 -9.80 1.35 34.84
CA PHE F 52 -8.46 1.88 34.60
C PHE F 52 -8.33 2.37 33.17
N PHE F 53 -7.72 3.53 33.01
CA PHE F 53 -7.69 4.23 31.73
C PHE F 53 -6.30 4.18 31.09
N ILE F 54 -6.25 3.76 29.83
CA ILE F 54 -5.06 3.84 28.99
C ILE F 54 -5.34 4.90 27.93
N ASP F 55 -4.50 5.94 27.87
CA ASP F 55 -4.71 7.03 26.93
C ASP F 55 -3.98 6.74 25.61
N ARG F 56 -4.47 5.72 24.91
CA ARG F 56 -3.96 5.36 23.59
C ARG F 56 -5.12 4.91 22.71
N ASP F 57 -4.81 4.67 21.44
CA ASP F 57 -5.83 4.24 20.49
C ASP F 57 -6.46 2.92 20.92
N GLY F 58 -7.78 2.92 21.07
CA GLY F 58 -8.47 1.76 21.61
C GLY F 58 -8.54 0.58 20.66
N PHE F 59 -8.64 0.84 19.36
CA PHE F 59 -8.80 -0.26 18.41
C PHE F 59 -7.54 -1.10 18.32
N LEU F 60 -6.36 -0.46 18.36
CA LEU F 60 -5.12 -1.21 18.22
C LEU F 60 -4.73 -1.93 19.50
N PHE F 61 -5.31 -1.57 20.64
CA PHE F 61 -4.98 -2.26 21.87
C PHE F 61 -5.43 -3.71 21.84
N ARG F 62 -6.42 -4.02 21.00
CA ARG F 62 -6.87 -5.40 20.80
C ARG F 62 -5.72 -6.31 20.40
N TYR F 63 -4.85 -5.83 19.51
CA TYR F 63 -3.73 -6.65 19.04
C TYR F 63 -2.54 -6.59 19.99
N ILE F 64 -2.39 -5.48 20.71
CA ILE F 64 -1.41 -5.41 21.78
C ILE F 64 -1.79 -6.39 22.89
N LEU F 65 -3.09 -6.45 23.20
CA LEU F 65 -3.56 -7.34 24.26
C LEU F 65 -3.41 -8.80 23.86
N ASP F 66 -3.58 -9.10 22.57
CA ASP F 66 -3.40 -10.48 22.09
C ASP F 66 -1.95 -10.93 22.20
N TYR F 67 -0.99 -10.00 22.05
CA TYR F 67 0.42 -10.36 22.20
C TYR F 67 0.72 -10.79 23.63
N LEU F 68 0.17 -10.06 24.61
CA LEU F 68 0.44 -10.41 26.00
C LEU F 68 -0.05 -11.82 26.32
N ARG F 69 -1.10 -12.28 25.64
CA ARG F 69 -1.62 -13.61 25.92
C ARG F 69 -0.70 -14.70 25.36
N ASP F 70 -0.35 -14.61 24.08
CA ASP F 70 0.32 -15.70 23.38
C ASP F 70 1.79 -15.42 23.05
N ARG F 71 2.29 -14.21 23.31
CA ARG F 71 3.63 -13.79 22.90
C ARG F 71 3.83 -13.92 21.38
N GLN F 72 2.74 -13.79 20.64
CA GLN F 72 2.77 -13.77 19.18
C GLN F 72 1.43 -13.21 18.70
N VAL F 73 1.43 -12.68 17.48
CA VAL F 73 0.24 -12.03 16.93
C VAL F 73 0.17 -12.30 15.44
N VAL F 74 -0.93 -12.92 15.01
CA VAL F 74 -1.25 -13.05 13.60
C VAL F 74 -2.11 -11.86 13.22
N LEU F 75 -1.62 -11.03 12.30
CA LEU F 75 -2.40 -9.88 11.88
C LEU F 75 -3.45 -10.29 10.85
N PRO F 76 -4.51 -9.50 10.70
CA PRO F 76 -5.49 -9.76 9.65
C PRO F 76 -4.86 -9.65 8.27
N ASP F 77 -5.51 -10.30 7.30
CA ASP F 77 -5.03 -10.26 5.93
C ASP F 77 -4.99 -8.83 5.40
N HIS F 78 -3.81 -8.41 4.93
CA HIS F 78 -3.60 -7.08 4.36
C HIS F 78 -3.94 -5.99 5.39
N PHE F 79 -3.38 -6.15 6.58
CA PHE F 79 -3.67 -5.22 7.68
C PHE F 79 -3.05 -3.85 7.37
N PRO F 80 -3.86 -2.81 7.19
CA PRO F 80 -3.32 -1.51 6.75
C PRO F 80 -2.62 -0.69 7.83
N GLU F 81 -2.63 -1.13 9.09
CA GLU F 81 -2.06 -0.33 10.18
C GLU F 81 -1.02 -1.14 10.95
N LYS F 82 -0.11 -1.79 10.23
CA LYS F 82 1.01 -2.44 10.90
C LYS F 82 1.97 -1.40 11.46
N GLY F 83 2.21 -0.32 10.71
CA GLY F 83 3.10 0.72 11.18
C GLY F 83 2.55 1.44 12.40
N ARG F 84 1.22 1.63 12.43
CA ARG F 84 0.61 2.31 13.56
C ARG F 84 0.67 1.43 14.80
N LEU F 85 0.45 0.11 14.63
CA LEU F 85 0.54 -0.81 15.75
C LEU F 85 1.96 -0.86 16.31
N LYS F 86 2.97 -0.72 15.43
CA LYS F 86 4.36 -0.68 15.88
C LYS F 86 4.60 0.49 16.83
N ARG F 87 4.02 1.65 16.53
CA ARG F 87 4.21 2.82 17.38
C ARG F 87 3.56 2.60 18.74
N GLU F 88 2.37 1.99 18.76
CA GLU F 88 1.73 1.69 20.03
C GLU F 88 2.54 0.66 20.81
N ALA F 89 3.10 -0.33 20.12
CA ALA F 89 3.96 -1.30 20.79
C ALA F 89 5.18 -0.64 21.41
N GLU F 90 5.74 0.36 20.72
CA GLU F 90 6.87 1.09 21.29
C GLU F 90 6.45 1.86 22.54
N TYR F 91 5.27 2.47 22.52
CA TYR F 91 4.81 3.21 23.69
C TYR F 91 4.68 2.31 24.91
N PHE F 92 4.09 1.13 24.73
CA PHE F 92 3.96 0.17 25.83
C PHE F 92 5.27 -0.55 26.12
N GLN F 93 6.32 -0.29 25.34
CA GLN F 93 7.65 -0.82 25.60
C GLN F 93 7.64 -2.35 25.59
N LEU F 94 7.33 -2.90 24.42
CA LEU F 94 7.32 -4.35 24.19
C LEU F 94 8.32 -4.64 23.07
N PRO F 95 9.59 -4.84 23.41
CA PRO F 95 10.63 -4.94 22.36
C PRO F 95 10.40 -6.02 21.33
N ASP F 96 10.07 -7.25 21.73
CA ASP F 96 9.88 -8.31 20.75
C ASP F 96 8.64 -8.10 19.90
N LEU F 97 7.64 -7.37 20.41
CA LEU F 97 6.49 -7.05 19.58
C LEU F 97 6.89 -6.11 18.45
N VAL F 98 7.72 -5.10 18.77
CA VAL F 98 8.19 -4.17 17.76
C VAL F 98 9.06 -4.89 16.74
N LYS F 99 9.87 -5.85 17.21
CA LYS F 99 10.71 -6.62 16.30
C LYS F 99 9.86 -7.45 15.34
N LEU F 100 8.79 -8.07 15.87
CA LEU F 100 7.90 -8.84 15.02
C LEU F 100 7.22 -7.97 13.98
N LEU F 101 6.90 -6.72 14.34
CA LEU F 101 6.21 -5.82 13.43
C LEU F 101 7.14 -5.09 12.47
N THR F 102 8.44 -5.05 12.77
CA THR F 102 9.43 -4.58 11.81
C THR F 102 9.80 -5.77 10.94
N PRO F 103 9.43 -5.79 9.66
CA PRO F 103 9.58 -6.98 8.79
C PRO F 103 11.04 -7.44 8.67
N MET G 1 -12.48 23.35 38.03
CA MET G 1 -11.57 22.24 37.86
C MET G 1 -12.08 21.29 36.77
N PHE G 2 -11.37 20.18 36.58
CA PHE G 2 -11.72 19.27 35.50
C PHE G 2 -11.37 17.86 35.96
N PRO G 3 -11.99 16.83 35.38
CA PRO G 3 -11.55 15.46 35.69
C PRO G 3 -10.27 15.05 34.98
N GLU G 4 -9.65 13.98 35.52
CA GLU G 4 -8.40 13.49 34.96
C GLU G 4 -8.58 12.90 33.57
N VAL G 5 -9.74 12.28 33.31
CA VAL G 5 -10.05 11.63 32.04
C VAL G 5 -11.24 12.36 31.44
N VAL G 6 -11.03 13.00 30.29
CA VAL G 6 -12.07 13.76 29.64
C VAL G 6 -12.76 12.89 28.61
N GLU G 7 -14.09 12.92 28.61
CA GLU G 7 -14.91 12.16 27.67
C GLU G 7 -15.38 13.09 26.56
N LEU G 8 -14.93 12.83 25.34
CA LEU G 8 -15.22 13.69 24.19
C LEU G 8 -16.22 13.01 23.25
N ASN G 9 -17.04 13.84 22.62
CA ASN G 9 -17.97 13.43 21.56
C ASN G 9 -17.66 14.30 20.34
N VAL G 10 -17.07 13.69 19.31
CA VAL G 10 -16.71 14.41 18.09
C VAL G 10 -17.63 13.94 16.97
N GLY G 11 -18.59 14.78 16.59
CA GLY G 11 -19.50 14.48 15.50
C GLY G 11 -20.24 13.16 15.65
N GLY G 12 -20.33 12.67 16.88
CA GLY G 12 -20.97 11.40 17.15
C GLY G 12 -20.04 10.24 17.43
N GLN G 13 -18.73 10.44 17.31
CA GLN G 13 -17.75 9.42 17.65
C GLN G 13 -17.17 9.76 19.02
N VAL G 14 -17.30 8.84 19.97
CA VAL G 14 -16.88 9.08 21.34
C VAL G 14 -15.41 8.73 21.50
N TYR G 15 -14.66 9.61 22.15
CA TYR G 15 -13.25 9.41 22.43
C TYR G 15 -12.97 9.77 23.89
N PHE G 16 -12.12 8.98 24.53
CA PHE G 16 -11.64 9.27 25.86
C PHE G 16 -10.16 9.62 25.81
N THR G 17 -9.77 10.63 26.56
CA THR G 17 -8.36 11.00 26.67
C THR G 17 -8.16 11.81 27.95
N ARG G 18 -6.91 11.88 28.39
CA ARG G 18 -6.59 12.64 29.59
C ARG G 18 -6.63 14.14 29.34
N HIS G 19 -6.94 14.89 30.40
CA HIS G 19 -6.94 16.35 30.33
C HIS G 19 -5.57 16.89 29.91
N SER G 20 -4.50 16.25 30.35
CA SER G 20 -3.16 16.71 29.96
C SER G 20 -2.95 16.57 28.46
N THR G 21 -3.56 15.57 27.83
CA THR G 21 -3.37 15.37 26.40
C THR G 21 -4.04 16.48 25.59
N LEU G 22 -5.21 16.94 26.04
CA LEU G 22 -5.92 17.99 25.31
C LEU G 22 -5.19 19.32 25.34
N ILE G 23 -4.50 19.62 26.44
CA ILE G 23 -3.79 20.88 26.59
C ILE G 23 -2.30 20.73 26.29
N SER G 24 -1.91 19.63 25.64
CA SER G 24 -0.49 19.37 25.40
C SER G 24 0.14 20.41 24.47
N ILE G 25 -0.64 21.00 23.57
CA ILE G 25 -0.12 21.97 22.62
C ILE G 25 -0.72 23.34 22.92
N PRO G 26 0.04 24.24 23.54
CA PRO G 26 -0.49 25.56 23.91
C PRO G 26 -0.99 26.35 22.71
N HIS G 27 -1.95 27.23 22.99
CA HIS G 27 -2.53 28.17 22.03
C HIS G 27 -3.24 27.48 20.88
N SER G 28 -3.56 26.20 21.01
CA SER G 28 -4.39 25.50 20.04
C SER G 28 -5.85 25.56 20.47
N LEU G 29 -6.74 25.12 19.56
CA LEU G 29 -8.16 25.22 19.85
C LEU G 29 -8.54 24.34 21.04
N LEU G 30 -8.06 23.10 21.06
CA LEU G 30 -8.34 22.23 22.19
C LEU G 30 -7.69 22.75 23.46
N TRP G 31 -6.57 23.47 23.34
CA TRP G 31 -5.97 24.08 24.51
C TRP G 31 -6.85 25.21 25.05
N LYS G 32 -7.40 26.02 24.14
CA LYS G 32 -8.23 27.16 24.55
C LYS G 32 -9.50 26.70 25.27
N MET G 33 -10.08 25.60 24.82
CA MET G 33 -11.35 25.13 25.40
C MET G 33 -11.19 24.63 26.82
N PHE G 34 -10.15 23.87 27.10
CA PHE G 34 -10.00 23.23 28.40
C PHE G 34 -9.10 23.97 29.39
N SER G 35 -8.37 25.00 28.95
CA SER G 35 -7.48 25.74 29.86
C SER G 35 -8.16 26.56 30.95
N PRO G 36 -9.23 27.33 30.67
CA PRO G 36 -9.85 28.12 31.74
C PRO G 36 -11.19 27.58 32.23
N LYS G 37 -11.67 28.09 33.35
CA LYS G 37 -12.95 27.68 33.92
C LYS G 37 -13.99 28.75 33.62
N ARG G 38 -15.13 28.33 33.07
CA ARG G 38 -16.22 29.23 32.70
C ARG G 38 -17.51 28.76 33.32
N ASP G 39 -18.30 29.70 33.83
CA ASP G 39 -19.57 29.39 34.48
C ASP G 39 -20.72 30.18 33.85
N LEU G 44 -19.27 26.62 26.30
CA LEU G 44 -19.55 25.36 26.97
C LEU G 44 -20.60 24.58 26.19
N ALA G 45 -20.21 23.44 25.61
CA ALA G 45 -21.15 22.59 24.90
C ALA G 45 -21.00 21.15 25.35
N LYS G 46 -22.13 20.53 25.70
CA LYS G 46 -22.19 19.15 26.16
C LYS G 46 -23.32 18.45 25.46
N ASP G 47 -23.18 17.15 25.25
CA ASP G 47 -24.23 16.40 24.59
C ASP G 47 -25.29 15.97 25.62
N SER G 48 -26.24 15.15 25.20
CA SER G 48 -27.31 14.72 26.09
C SER G 48 -26.79 13.93 27.28
N LYS G 49 -25.72 13.15 27.08
CA LYS G 49 -25.14 12.32 28.11
C LYS G 49 -24.00 12.98 28.87
N GLY G 50 -23.77 14.27 28.65
CA GLY G 50 -22.75 14.98 29.40
C GLY G 50 -21.37 14.98 28.79
N ARG G 51 -21.16 14.29 27.68
CA ARG G 51 -19.86 14.32 27.02
C ARG G 51 -19.63 15.67 26.34
N PHE G 52 -18.41 16.18 26.45
CA PHE G 52 -18.04 17.40 25.74
C PHE G 52 -18.14 17.16 24.25
N PHE G 53 -18.76 18.10 23.53
CA PHE G 53 -19.05 17.94 22.12
C PHE G 53 -18.16 18.83 21.26
N ILE G 54 -17.51 18.22 20.29
CA ILE G 54 -16.79 18.93 19.24
C ILE G 54 -17.52 18.69 17.93
N ASP G 55 -17.92 19.75 17.24
CA ASP G 55 -18.66 19.61 15.99
C ASP G 55 -17.69 19.48 14.82
N ARG G 56 -17.00 18.34 14.78
CA ARG G 56 -16.10 18.04 13.69
C ARG G 56 -16.25 16.57 13.32
N ASP G 57 -15.61 16.17 12.23
CA ASP G 57 -15.68 14.79 11.76
C ASP G 57 -15.09 13.85 12.79
N GLY G 58 -15.90 12.88 13.24
CA GLY G 58 -15.47 11.98 14.29
C GLY G 58 -14.43 10.98 13.86
N PHE G 59 -14.49 10.54 12.60
CA PHE G 59 -13.54 9.53 12.13
C PHE G 59 -12.14 10.11 12.00
N LEU G 60 -12.03 11.36 11.54
CA LEU G 60 -10.73 11.98 11.38
C LEU G 60 -10.13 12.45 12.71
N PHE G 61 -10.95 12.61 13.75
CA PHE G 61 -10.43 13.03 15.04
C PHE G 61 -9.54 11.98 15.67
N ARG G 62 -9.70 10.72 15.29
CA ARG G 62 -8.84 9.65 15.81
C ARG G 62 -7.37 9.98 15.59
N TYR G 63 -7.04 10.52 14.43
CA TYR G 63 -5.64 10.82 14.11
C TYR G 63 -5.20 12.15 14.69
N ILE G 64 -6.13 13.08 14.89
CA ILE G 64 -5.81 14.31 15.60
C ILE G 64 -5.44 14.01 17.04
N LEU G 65 -6.18 13.09 17.68
CA LEU G 65 -5.93 12.77 19.08
C LEU G 65 -4.60 12.04 19.25
N ASP G 66 -4.22 11.21 18.27
CA ASP G 66 -2.94 10.52 18.36
C ASP G 66 -1.77 11.49 18.25
N TYR G 67 -1.92 12.57 17.50
CA TYR G 67 -0.86 13.57 17.41
C TYR G 67 -0.64 14.25 18.75
N LEU G 68 -1.73 14.56 19.46
CA LEU G 68 -1.61 15.19 20.77
C LEU G 68 -0.84 14.29 21.74
N ARG G 69 -0.95 12.96 21.58
CA ARG G 69 -0.26 12.05 22.47
C ARG G 69 1.25 12.04 22.22
N ASP G 70 1.65 11.84 20.96
CA ASP G 70 3.04 11.59 20.62
C ASP G 70 3.75 12.73 19.90
N ARG G 71 3.04 13.80 19.54
CA ARG G 71 3.58 14.85 18.67
C ARG G 71 4.05 14.27 17.34
N GLN G 72 3.41 13.18 16.91
CA GLN G 72 3.68 12.53 15.63
C GLN G 72 2.49 11.64 15.32
N VAL G 73 2.32 11.33 14.04
CA VAL G 73 1.18 10.51 13.62
C VAL G 73 1.56 9.60 12.46
N VAL G 74 1.41 8.31 12.66
CA VAL G 74 1.55 7.31 11.60
C VAL G 74 0.18 7.06 11.00
N LEU G 75 0.03 7.35 9.71
CA LEU G 75 -1.23 7.06 9.03
C LEU G 75 -1.30 5.59 8.64
N PRO G 76 -2.50 5.08 8.40
CA PRO G 76 -2.60 3.74 7.81
C PRO G 76 -2.00 3.74 6.41
N ASP G 77 -1.63 2.54 5.94
CA ASP G 77 -1.10 2.42 4.59
C ASP G 77 -2.12 2.93 3.58
N HIS G 78 -1.71 3.89 2.76
CA HIS G 78 -2.53 4.44 1.67
C HIS G 78 -3.81 5.08 2.22
N PHE G 79 -3.63 6.00 3.14
CA PHE G 79 -4.77 6.68 3.78
C PHE G 79 -5.47 7.55 2.75
N PRO G 80 -6.73 7.29 2.40
CA PRO G 80 -7.37 8.00 1.29
C PRO G 80 -7.80 9.42 1.59
N GLU G 81 -7.72 9.88 2.84
CA GLU G 81 -8.18 11.20 3.23
C GLU G 81 -7.09 11.98 3.94
N LYS G 82 -5.90 12.04 3.33
CA LYS G 82 -4.83 12.87 3.87
C LYS G 82 -5.18 14.35 3.76
N GLY G 83 -5.78 14.74 2.63
CA GLY G 83 -6.15 16.14 2.46
C GLY G 83 -7.22 16.59 3.43
N ARG G 84 -8.17 15.71 3.76
CA ARG G 84 -9.22 16.09 4.69
C ARG G 84 -8.68 16.27 6.10
N LEU G 85 -7.72 15.43 6.50
CA LEU G 85 -7.08 15.56 7.81
C LEU G 85 -6.36 16.91 7.92
N LYS G 86 -5.80 17.41 6.82
CA LYS G 86 -5.16 18.72 6.84
C LYS G 86 -6.13 19.81 7.24
N ARG G 87 -7.37 19.75 6.73
CA ARG G 87 -8.37 20.75 7.08
C ARG G 87 -8.76 20.65 8.55
N GLU G 88 -8.88 19.43 9.07
CA GLU G 88 -9.21 19.26 10.49
C GLU G 88 -8.06 19.74 11.37
N ALA G 89 -6.81 19.45 10.98
CA ALA G 89 -5.66 19.91 11.75
C ALA G 89 -5.60 21.43 11.78
N GLU G 90 -5.93 22.08 10.66
CA GLU G 90 -5.95 23.53 10.62
C GLU G 90 -7.02 24.08 11.54
N TYR G 91 -8.20 23.45 11.57
CA TYR G 91 -9.28 23.92 12.42
C TYR G 91 -8.87 23.89 13.89
N PHE G 92 -8.25 22.80 14.33
CA PHE G 92 -7.78 22.69 15.70
C PHE G 92 -6.49 23.48 15.96
N GLN G 93 -5.94 24.11 14.92
CA GLN G 93 -4.78 25.01 15.04
C GLN G 93 -3.57 24.26 15.59
N LEU G 94 -3.09 23.31 14.77
CA LEU G 94 -1.88 22.53 15.06
C LEU G 94 -0.91 22.78 13.92
N PRO G 95 -0.16 23.89 13.98
CA PRO G 95 0.70 24.26 12.83
C PRO G 95 1.70 23.18 12.45
N ASP G 96 2.35 22.55 13.41
CA ASP G 96 3.34 21.53 13.09
C ASP G 96 2.69 20.30 12.46
N LEU G 97 1.46 19.97 12.87
CA LEU G 97 0.78 18.82 12.28
C LEU G 97 0.39 19.09 10.83
N VAL G 98 -0.01 20.33 10.53
CA VAL G 98 -0.32 20.69 9.15
C VAL G 98 0.91 20.56 8.27
N LYS G 99 2.08 20.92 8.81
CA LYS G 99 3.32 20.83 8.05
C LYS G 99 3.64 19.38 7.68
N LEU G 100 3.49 18.46 8.63
CA LEU G 100 3.75 17.05 8.36
C LEU G 100 2.88 16.53 7.22
N LEU G 101 1.70 17.11 7.04
CA LEU G 101 0.75 16.64 6.04
C LEU G 101 1.01 17.23 4.66
N THR G 102 1.86 18.26 4.57
CA THR G 102 2.28 18.76 3.27
C THR G 102 3.38 17.86 2.71
N PRO G 103 3.33 17.55 1.40
CA PRO G 103 4.36 16.73 0.75
C PRO G 103 5.72 17.43 0.69
N PHE H 2 -35.71 22.58 19.78
CA PHE H 2 -34.55 21.75 19.45
C PHE H 2 -33.40 22.00 20.42
N PRO H 3 -32.70 20.94 20.82
CA PRO H 3 -31.55 21.09 21.71
C PRO H 3 -30.37 21.72 20.99
N GLU H 4 -29.34 22.05 21.77
CA GLU H 4 -28.14 22.68 21.21
C GLU H 4 -27.39 21.72 20.31
N VAL H 5 -27.31 20.44 20.70
CA VAL H 5 -26.68 19.40 19.91
C VAL H 5 -27.77 18.44 19.46
N VAL H 6 -27.94 18.31 18.15
CA VAL H 6 -28.98 17.46 17.57
C VAL H 6 -28.35 16.11 17.23
N GLU H 7 -29.05 15.04 17.58
CA GLU H 7 -28.60 13.67 17.31
C GLU H 7 -29.33 13.14 16.08
N LEU H 8 -28.58 12.92 15.00
CA LEU H 8 -29.15 12.50 13.73
C LEU H 8 -28.79 11.06 13.40
N ASN H 9 -29.70 10.39 12.67
CA ASN H 9 -29.46 9.08 12.08
C ASN H 9 -29.67 9.20 10.58
N VAL H 10 -28.59 9.14 9.80
CA VAL H 10 -28.66 9.25 8.35
C VAL H 10 -28.28 7.91 7.74
N GLY H 11 -29.28 7.21 7.20
CA GLY H 11 -29.06 5.93 6.55
C GLY H 11 -28.43 4.87 7.42
N GLY H 12 -28.54 4.99 8.74
CA GLY H 12 -27.98 4.04 9.68
C GLY H 12 -26.70 4.51 10.34
N GLN H 13 -26.14 5.64 9.92
CA GLN H 13 -24.96 6.23 10.54
C GLN H 13 -25.37 7.35 11.48
N VAL H 14 -24.92 7.26 12.73
CA VAL H 14 -25.30 8.23 13.75
C VAL H 14 -24.38 9.43 13.65
N TYR H 15 -24.97 10.62 13.67
CA TYR H 15 -24.21 11.86 13.62
C TYR H 15 -24.72 12.81 14.68
N PHE H 16 -23.80 13.47 15.35
CA PHE H 16 -24.09 14.54 16.29
C PHE H 16 -23.58 15.84 15.69
N THR H 17 -24.36 16.91 15.82
CA THR H 17 -23.92 18.20 15.32
C THR H 17 -24.69 19.31 16.02
N ARG H 18 -24.18 20.52 15.91
CA ARG H 18 -24.81 21.68 16.52
C ARG H 18 -26.09 22.02 15.79
N HIS H 19 -27.09 22.51 16.55
CA HIS H 19 -28.31 23.00 15.92
C HIS H 19 -28.02 24.10 14.91
N SER H 20 -27.01 24.93 15.18
CA SER H 20 -26.64 25.99 14.24
C SER H 20 -26.13 25.42 12.92
N THR H 21 -25.52 24.24 12.95
CA THR H 21 -24.96 23.65 11.73
C THR H 21 -26.06 23.25 10.76
N LEU H 22 -27.17 22.71 11.29
CA LEU H 22 -28.26 22.29 10.42
C LEU H 22 -28.96 23.48 9.77
N ILE H 23 -29.07 24.59 10.48
CA ILE H 23 -29.72 25.80 9.96
C ILE H 23 -28.69 26.81 9.46
N SER H 24 -27.46 26.38 9.18
CA SER H 24 -26.42 27.30 8.74
C SER H 24 -26.78 27.99 7.43
N ILE H 25 -27.41 27.28 6.51
CA ILE H 25 -27.82 27.82 5.21
C ILE H 25 -29.32 27.99 5.22
N PRO H 26 -29.84 29.19 4.95
CA PRO H 26 -31.29 29.40 4.95
C PRO H 26 -31.94 28.92 3.65
N HIS H 27 -33.25 28.66 3.75
CA HIS H 27 -34.05 28.19 2.62
C HIS H 27 -33.46 26.93 2.00
N SER H 28 -32.99 26.03 2.85
CA SER H 28 -32.44 24.74 2.45
C SER H 28 -33.28 23.64 3.08
N LEU H 29 -33.21 22.44 2.50
CA LEU H 29 -34.03 21.34 3.01
C LEU H 29 -33.71 21.04 4.47
N LEU H 30 -32.44 21.13 4.86
CA LEU H 30 -32.10 20.89 6.25
C LEU H 30 -32.52 22.07 7.12
N TRP H 31 -32.53 23.28 6.55
CA TRP H 31 -33.08 24.43 7.24
C TRP H 31 -34.60 24.31 7.38
N LYS H 32 -35.26 23.87 6.30
CA LYS H 32 -36.72 23.75 6.33
C LYS H 32 -37.17 22.74 7.36
N MET H 33 -36.39 21.69 7.59
CA MET H 33 -36.77 20.66 8.55
C MET H 33 -36.58 21.13 9.99
N PHE H 34 -35.44 21.75 10.30
CA PHE H 34 -35.07 22.04 11.67
C PHE H 34 -35.24 23.51 12.07
N SER H 35 -35.75 24.37 11.19
CA SER H 35 -36.04 25.75 11.58
C SER H 35 -37.42 25.85 12.19
N PRO H 36 -37.57 26.36 13.43
CA PRO H 36 -38.84 26.52 14.14
C PRO H 36 -39.92 27.20 13.28
N ASP H 43 -43.73 17.21 12.06
CA ASP H 43 -43.18 16.16 12.91
C ASP H 43 -42.17 15.31 12.14
N LEU H 44 -40.89 15.62 12.34
CA LEU H 44 -39.83 14.87 11.67
C LEU H 44 -39.80 13.42 12.15
N ALA H 45 -39.44 12.53 11.24
CA ALA H 45 -39.38 11.10 11.56
C ALA H 45 -38.32 10.83 12.62
N LYS H 46 -38.54 9.76 13.40
CA LYS H 46 -37.63 9.34 14.45
C LYS H 46 -37.36 7.85 14.31
N ASP H 47 -36.19 7.42 14.79
CA ASP H 47 -35.80 6.03 14.70
C ASP H 47 -36.11 5.30 16.01
N SER H 48 -35.60 4.06 16.13
CA SER H 48 -35.88 3.25 17.31
C SER H 48 -35.33 3.90 18.58
N LYS H 49 -34.20 4.59 18.49
CA LYS H 49 -33.58 5.24 19.64
C LYS H 49 -34.00 6.69 19.78
N GLY H 50 -34.95 7.16 18.98
CA GLY H 50 -35.46 8.51 19.09
C GLY H 50 -34.69 9.54 18.29
N ARG H 51 -33.60 9.15 17.65
CA ARG H 51 -32.80 10.06 16.85
C ARG H 51 -33.52 10.41 15.55
N PHE H 52 -33.42 11.67 15.15
CA PHE H 52 -34.03 12.11 13.89
C PHE H 52 -33.42 11.33 12.73
N PHE H 53 -34.28 10.86 11.83
CA PHE H 53 -33.87 9.93 10.77
C PHE H 53 -33.91 10.62 9.42
N ILE H 54 -32.78 10.57 8.70
CA ILE H 54 -32.69 10.98 7.30
C ILE H 54 -32.41 9.73 6.48
N ASP H 55 -33.27 9.46 5.50
CA ASP H 55 -33.14 8.26 4.66
C ASP H 55 -32.28 8.59 3.43
N ARG H 56 -30.98 8.77 3.68
CA ARG H 56 -30.03 9.07 2.61
C ARG H 56 -28.75 8.28 2.84
N ASP H 57 -27.86 8.35 1.85
CA ASP H 57 -26.60 7.62 1.90
C ASP H 57 -25.75 8.07 3.08
N GLY H 58 -25.36 7.11 3.93
CA GLY H 58 -24.61 7.44 5.13
C GLY H 58 -23.19 7.87 4.84
N PHE H 59 -22.57 7.29 3.80
CA PHE H 59 -21.19 7.66 3.48
C PHE H 59 -21.11 9.07 2.92
N LEU H 60 -22.08 9.44 2.08
CA LEU H 60 -22.07 10.75 1.44
C LEU H 60 -22.54 11.87 2.36
N PHE H 61 -23.31 11.56 3.40
CA PHE H 61 -23.73 12.61 4.33
C PHE H 61 -22.57 13.15 5.14
N ARG H 62 -21.51 12.35 5.30
CA ARG H 62 -20.32 12.81 6.00
C ARG H 62 -19.82 14.12 5.42
N TYR H 63 -19.83 14.24 4.09
CA TYR H 63 -19.35 15.46 3.44
C TYR H 63 -20.40 16.55 3.41
N ILE H 64 -21.69 16.18 3.45
CA ILE H 64 -22.75 17.16 3.57
C ILE H 64 -22.64 17.89 4.91
N LEU H 65 -22.37 17.15 5.98
CA LEU H 65 -22.25 17.76 7.30
C LEU H 65 -20.99 18.62 7.40
N ASP H 66 -19.90 18.21 6.74
CA ASP H 66 -18.69 19.02 6.75
C ASP H 66 -18.88 20.32 5.97
N TYR H 67 -19.72 20.30 4.92
CA TYR H 67 -19.97 21.52 4.16
C TYR H 67 -20.67 22.57 5.02
N LEU H 68 -21.66 22.16 5.80
CA LEU H 68 -22.37 23.10 6.66
C LEU H 68 -21.42 23.73 7.69
N ARG H 69 -20.38 23.01 8.12
CA ARG H 69 -19.48 23.55 9.13
C ARG H 69 -18.60 24.65 8.54
N ASP H 70 -17.91 24.36 7.44
CA ASP H 70 -16.87 25.22 6.91
C ASP H 70 -17.24 25.96 5.64
N ARG H 71 -18.41 25.67 5.06
CA ARG H 71 -18.81 26.21 3.76
C ARG H 71 -17.82 25.82 2.67
N GLN H 72 -17.20 24.66 2.83
CA GLN H 72 -16.27 24.09 1.86
C GLN H 72 -16.11 22.61 2.19
N VAL H 73 -15.64 21.84 1.20
CA VAL H 73 -15.52 20.39 1.34
C VAL H 73 -14.23 19.94 0.69
N VAL H 74 -13.38 19.29 1.48
CA VAL H 74 -12.18 18.62 0.96
C VAL H 74 -12.56 17.18 0.63
N LEU H 75 -12.47 16.83 -0.64
CA LEU H 75 -12.79 15.47 -1.06
C LEU H 75 -11.60 14.53 -0.82
N PRO H 76 -11.85 13.23 -0.73
CA PRO H 76 -10.76 12.26 -0.64
C PRO H 76 -9.89 12.24 -1.89
N ASP H 77 -8.81 11.47 -1.81
CA ASP H 77 -7.96 11.21 -2.96
C ASP H 77 -8.68 10.31 -3.96
N HIS H 78 -8.86 10.81 -5.18
CA HIS H 78 -9.50 10.06 -6.27
C HIS H 78 -10.92 9.62 -5.87
N PHE H 79 -11.73 10.59 -5.50
CA PHE H 79 -13.09 10.35 -5.04
C PHE H 79 -13.96 9.81 -6.17
N PRO H 80 -14.40 8.55 -6.12
CA PRO H 80 -15.11 7.96 -7.26
C PRO H 80 -16.56 8.39 -7.39
N GLU H 81 -17.09 9.16 -6.45
CA GLU H 81 -18.52 9.48 -6.46
C GLU H 81 -18.74 11.00 -6.45
N LYS H 82 -18.06 11.71 -7.35
CA LYS H 82 -18.33 13.14 -7.50
C LYS H 82 -19.73 13.38 -8.06
N GLY H 83 -20.14 12.57 -9.04
CA GLY H 83 -21.46 12.74 -9.61
C GLY H 83 -22.57 12.39 -8.64
N ARG H 84 -22.38 11.34 -7.83
CA ARG H 84 -23.42 10.94 -6.89
C ARG H 84 -23.54 11.94 -5.74
N LEU H 85 -22.40 12.44 -5.26
CA LEU H 85 -22.44 13.47 -4.21
C LEU H 85 -23.14 14.72 -4.70
N LYS H 86 -22.99 15.05 -5.98
CA LYS H 86 -23.72 16.17 -6.56
C LYS H 86 -25.23 15.95 -6.47
N ARG H 87 -25.68 14.71 -6.68
CA ARG H 87 -27.10 14.42 -6.57
C ARG H 87 -27.58 14.59 -5.14
N GLU H 88 -26.76 14.17 -4.17
CA GLU H 88 -27.12 14.38 -2.76
C GLU H 88 -27.20 15.86 -2.43
N ALA H 89 -26.26 16.65 -2.97
CA ALA H 89 -26.30 18.09 -2.76
C ALA H 89 -27.57 18.70 -3.36
N GLU H 90 -28.02 18.18 -4.50
CA GLU H 90 -29.26 18.67 -5.09
C GLU H 90 -30.46 18.39 -4.19
N TYR H 91 -30.50 17.20 -3.58
CA TYR H 91 -31.60 16.85 -2.71
C TYR H 91 -31.68 17.79 -1.51
N PHE H 92 -30.54 18.02 -0.85
CA PHE H 92 -30.49 18.87 0.34
C PHE H 92 -30.59 20.36 0.04
N GLN H 93 -30.68 20.75 -1.24
CA GLN H 93 -30.88 22.15 -1.62
C GLN H 93 -29.71 23.02 -1.17
N LEU H 94 -28.54 22.74 -1.73
CA LEU H 94 -27.31 23.47 -1.45
C LEU H 94 -26.76 24.07 -2.74
N PRO H 95 -27.24 25.28 -3.12
CA PRO H 95 -26.87 25.83 -4.44
C PRO H 95 -25.37 25.95 -4.67
N ASP H 96 -24.61 26.43 -3.67
CA ASP H 96 -23.17 26.61 -3.87
C ASP H 96 -22.42 25.29 -3.97
N LEU H 97 -22.88 24.26 -3.26
CA LEU H 97 -22.15 22.99 -3.29
C LEU H 97 -22.33 22.28 -4.62
N VAL H 98 -23.54 22.38 -5.19
CA VAL H 98 -23.79 21.85 -6.53
C VAL H 98 -22.82 22.46 -7.54
N LYS H 99 -22.69 23.79 -7.54
CA LYS H 99 -21.72 24.47 -8.37
C LYS H 99 -20.28 24.02 -8.10
N LEU H 100 -19.91 23.84 -6.83
CA LEU H 100 -18.54 23.41 -6.54
C LEU H 100 -18.21 22.06 -7.15
N LEU H 101 -19.19 21.18 -7.29
CA LEU H 101 -18.94 19.84 -7.83
C LEU H 101 -19.04 19.79 -9.35
N THR H 102 -19.61 20.81 -9.99
CA THR H 102 -19.61 20.91 -11.45
C THR H 102 -18.29 21.50 -11.93
N PRO H 103 -17.46 20.71 -12.63
CA PRO H 103 -16.13 21.15 -13.10
C PRO H 103 -16.21 22.23 -14.17
N PHE I 2 -48.46 -17.93 27.50
CA PHE I 2 -47.45 -16.97 27.07
C PHE I 2 -47.98 -15.54 27.14
N PRO I 3 -47.12 -14.61 27.57
CA PRO I 3 -47.55 -13.22 27.66
C PRO I 3 -47.71 -12.57 26.30
N GLU I 4 -48.28 -11.36 26.33
CA GLU I 4 -48.56 -10.61 25.12
C GLU I 4 -47.28 -10.16 24.42
N VAL I 5 -46.27 -9.77 25.18
CA VAL I 5 -44.97 -9.38 24.64
C VAL I 5 -43.90 -10.12 25.43
N VAL I 6 -43.15 -10.98 24.73
CA VAL I 6 -42.11 -11.81 25.34
C VAL I 6 -40.74 -11.15 25.19
N GLU I 7 -39.94 -11.19 26.26
CA GLU I 7 -38.55 -10.76 26.24
C GLU I 7 -37.63 -11.92 25.89
N LEU I 8 -37.07 -11.90 24.68
CA LEU I 8 -36.19 -12.97 24.22
C LEU I 8 -34.74 -12.58 24.44
N ASN I 9 -33.95 -13.55 24.91
CA ASN I 9 -32.51 -13.37 25.11
C ASN I 9 -31.83 -14.31 24.12
N VAL I 10 -31.27 -13.74 23.06
CA VAL I 10 -30.64 -14.51 21.99
C VAL I 10 -29.14 -14.27 22.07
N GLY I 11 -28.40 -15.28 22.52
CA GLY I 11 -26.96 -15.20 22.64
C GLY I 11 -26.46 -14.04 23.47
N GLY I 12 -27.30 -13.50 24.36
CA GLY I 12 -26.95 -12.39 25.20
C GLY I 12 -27.51 -11.06 24.77
N GLN I 13 -28.16 -10.99 23.62
CA GLN I 13 -28.82 -9.78 23.15
C GLN I 13 -30.31 -9.91 23.41
N VAL I 14 -30.85 -8.95 24.15
CA VAL I 14 -32.26 -8.95 24.55
C VAL I 14 -33.10 -8.28 23.48
N TYR I 15 -34.24 -8.89 23.16
CA TYR I 15 -35.18 -8.34 22.20
C TYR I 15 -36.57 -8.33 22.80
N PHE I 16 -37.32 -7.27 22.52
CA PHE I 16 -38.71 -7.11 22.95
C PHE I 16 -39.58 -7.22 21.70
N THR I 17 -39.93 -8.45 21.32
CA THR I 17 -40.81 -8.68 20.18
C THR I 17 -42.20 -9.11 20.63
N ARG I 18 -43.16 -8.94 19.73
CA ARG I 18 -44.54 -9.32 19.98
C ARG I 18 -44.71 -10.83 19.83
N HIS I 19 -45.63 -11.39 20.62
CA HIS I 19 -45.95 -12.82 20.51
C HIS I 19 -46.48 -13.17 19.13
N SER I 20 -47.28 -12.29 18.52
CA SER I 20 -47.79 -12.59 17.19
C SER I 20 -46.70 -12.61 16.13
N THR I 21 -45.59 -11.92 16.37
CA THR I 21 -44.49 -11.92 15.43
C THR I 21 -43.78 -13.27 15.43
N LEU I 22 -43.66 -13.88 16.61
CA LEU I 22 -42.95 -15.14 16.76
C LEU I 22 -43.69 -16.28 16.07
N ILE I 23 -45.01 -16.26 16.12
CA ILE I 23 -45.84 -17.31 15.52
C ILE I 23 -46.41 -16.88 14.17
N SER I 24 -45.89 -15.80 13.59
CA SER I 24 -46.43 -15.29 12.34
C SER I 24 -46.21 -16.25 11.18
N ILE I 25 -45.14 -17.04 11.23
CA ILE I 25 -44.81 -17.94 10.13
C ILE I 25 -44.94 -19.39 10.59
N PRO I 26 -45.99 -20.09 10.18
CA PRO I 26 -46.16 -21.49 10.59
C PRO I 26 -44.99 -22.36 10.16
N HIS I 27 -44.80 -23.46 10.90
CA HIS I 27 -43.76 -24.45 10.66
C HIS I 27 -42.36 -23.87 10.85
N SER I 28 -42.23 -22.72 11.50
CA SER I 28 -40.92 -22.21 11.86
C SER I 28 -40.57 -22.64 13.28
N LEU I 29 -39.30 -22.46 13.64
CA LEU I 29 -38.85 -22.89 14.96
C LEU I 29 -39.52 -22.07 16.06
N LEU I 30 -39.56 -20.74 15.89
CA LEU I 30 -40.22 -19.90 16.87
C LEU I 30 -41.72 -20.15 16.93
N TRP I 31 -42.31 -20.51 15.81
CA TRP I 31 -43.79 -20.71 15.85
C TRP I 31 -44.09 -21.92 16.68
N LYS I 32 -43.22 -22.92 16.62
CA LYS I 32 -43.50 -24.16 17.35
C LYS I 32 -43.52 -23.90 18.85
N MET I 33 -42.49 -23.27 19.39
CA MET I 33 -42.41 -23.08 20.85
C MET I 33 -43.56 -22.19 21.29
N PHE I 34 -43.65 -21.02 20.69
CA PHE I 34 -44.75 -20.12 21.10
C PHE I 34 -46.14 -20.74 20.98
N SER I 35 -46.38 -21.80 20.19
CA SER I 35 -47.76 -22.37 20.18
C SER I 35 -47.77 -23.88 19.88
N ASP I 43 -40.06 -28.51 29.92
CA ASP I 43 -39.99 -27.07 29.01
C ASP I 43 -38.92 -26.24 28.30
N LEU I 44 -39.09 -24.92 28.35
CA LEU I 44 -38.18 -24.01 27.66
C LEU I 44 -36.99 -23.60 28.52
N ALA I 45 -35.98 -23.02 27.87
CA ALA I 45 -34.80 -22.52 28.55
C ALA I 45 -34.99 -21.05 28.90
N LYS I 46 -34.64 -20.70 30.13
CA LYS I 46 -34.78 -19.33 30.62
C LYS I 46 -33.45 -18.87 31.23
N ASP I 47 -33.19 -17.58 31.15
CA ASP I 47 -31.96 -17.03 31.68
C ASP I 47 -32.12 -16.76 33.17
N SER I 48 -31.13 -16.11 33.78
CA SER I 48 -31.18 -15.85 35.22
C SER I 48 -32.37 -14.95 35.57
N LYS I 49 -32.72 -14.02 34.69
CA LYS I 49 -33.82 -13.09 34.92
C LYS I 49 -35.15 -13.57 34.35
N GLY I 50 -35.22 -14.81 33.89
CA GLY I 50 -36.48 -15.40 33.45
C GLY I 50 -36.82 -15.21 31.98
N ARG I 51 -36.02 -14.47 31.23
CA ARG I 51 -36.28 -14.29 29.81
C ARG I 51 -35.99 -15.58 29.03
N PHE I 52 -36.86 -15.90 28.08
CA PHE I 52 -36.65 -17.06 27.24
C PHE I 52 -35.36 -16.93 26.43
N PHE I 53 -34.59 -18.01 26.38
CA PHE I 53 -33.25 -18.00 25.81
C PHE I 53 -33.21 -18.77 24.49
N ILE I 54 -32.70 -18.12 23.45
CA ILE I 54 -32.37 -18.78 22.18
C ILE I 54 -30.85 -18.76 22.05
N ASP I 55 -30.25 -19.95 21.89
CA ASP I 55 -28.80 -20.07 21.84
C ASP I 55 -28.30 -19.93 20.39
N ARG I 56 -28.43 -18.70 19.87
CA ARG I 56 -27.96 -18.37 18.54
C ARG I 56 -27.30 -17.00 18.55
N ASP I 57 -26.72 -16.63 17.41
CA ASP I 57 -26.02 -15.36 17.28
C ASP I 57 -26.99 -14.21 17.51
N GLY I 58 -26.67 -13.38 18.51
CA GLY I 58 -27.58 -12.31 18.88
C GLY I 58 -27.64 -11.17 17.88
N PHE I 59 -26.52 -10.85 17.24
CA PHE I 59 -26.51 -9.70 16.34
C PHE I 59 -27.29 -9.97 15.06
N LEU I 60 -27.22 -11.20 14.53
CA LEU I 60 -27.91 -11.48 13.28
C LEU I 60 -29.42 -11.60 13.45
N PHE I 61 -29.89 -11.75 14.69
CA PHE I 61 -31.32 -11.91 14.92
C PHE I 61 -32.14 -10.67 14.55
N ARG I 62 -31.51 -9.49 14.47
CA ARG I 62 -32.29 -8.29 14.14
C ARG I 62 -32.94 -8.42 12.77
N TYR I 63 -32.27 -9.07 11.82
CA TYR I 63 -32.86 -9.24 10.50
C TYR I 63 -33.81 -10.44 10.47
N ILE I 64 -33.59 -11.43 11.33
CA ILE I 64 -34.56 -12.50 11.49
C ILE I 64 -35.85 -11.94 12.05
N LEU I 65 -35.74 -11.03 13.03
CA LEU I 65 -36.93 -10.47 13.65
C LEU I 65 -37.70 -9.58 12.68
N ASP I 66 -36.99 -8.85 11.82
CA ASP I 66 -37.64 -7.98 10.85
C ASP I 66 -38.39 -8.77 9.79
N TYR I 67 -37.88 -9.95 9.43
CA TYR I 67 -38.56 -10.80 8.45
C TYR I 67 -39.88 -11.32 9.02
N LEU I 68 -39.88 -11.72 10.28
CA LEU I 68 -41.10 -12.24 10.88
C LEU I 68 -42.21 -11.19 10.95
N ARG I 69 -41.82 -9.92 11.06
CA ARG I 69 -42.83 -8.82 11.20
C ARG I 69 -43.62 -8.52 9.92
N ASP I 70 -42.95 -8.30 8.80
CA ASP I 70 -43.60 -8.02 7.53
C ASP I 70 -43.23 -8.93 6.36
N ARG I 71 -42.53 -10.05 6.61
CA ARG I 71 -42.19 -11.03 5.57
C ARG I 71 -41.35 -10.43 4.44
N GLN I 72 -40.57 -9.40 4.74
CA GLN I 72 -39.63 -8.83 3.76
C GLN I 72 -38.50 -8.18 4.55
N VAL I 73 -37.30 -8.18 3.95
CA VAL I 73 -36.15 -7.55 4.59
C VAL I 73 -35.29 -6.91 3.51
N VAL I 74 -35.06 -5.61 3.64
CA VAL I 74 -34.13 -4.90 2.78
C VAL I 74 -32.79 -4.88 3.50
N LEU I 75 -31.84 -5.67 3.02
CA LEU I 75 -30.55 -5.65 3.69
C LEU I 75 -29.80 -4.38 3.31
N PRO I 76 -29.10 -3.76 4.26
CA PRO I 76 -28.35 -2.54 3.94
C PRO I 76 -27.26 -2.83 2.91
N ASP I 77 -26.99 -1.82 2.08
CA ASP I 77 -25.99 -1.98 1.03
C ASP I 77 -24.67 -2.41 1.64
N HIS I 78 -23.98 -3.34 0.97
CA HIS I 78 -22.75 -3.94 1.48
C HIS I 78 -22.99 -4.49 2.89
N PHE I 79 -23.74 -5.59 2.93
CA PHE I 79 -23.85 -6.30 4.20
C PHE I 79 -22.77 -7.38 4.26
N PRO I 80 -22.04 -7.49 5.37
CA PRO I 80 -20.90 -8.43 5.42
C PRO I 80 -21.22 -9.87 5.79
N GLU I 81 -22.43 -10.19 6.23
CA GLU I 81 -22.75 -11.54 6.68
C GLU I 81 -24.03 -12.05 6.02
N LYS I 82 -24.11 -11.92 4.70
CA LYS I 82 -25.26 -12.45 3.98
C LYS I 82 -25.29 -13.97 4.05
N GLY I 83 -24.12 -14.60 3.89
CA GLY I 83 -24.08 -16.05 3.97
C GLY I 83 -24.42 -16.57 5.35
N ARG I 84 -24.02 -15.84 6.39
CA ARG I 84 -24.30 -16.28 7.76
C ARG I 84 -25.78 -16.16 8.07
N LEU I 85 -26.42 -15.08 7.62
CA LEU I 85 -27.85 -14.92 7.87
C LEU I 85 -28.66 -16.04 7.23
N LYS I 86 -28.17 -16.59 6.12
CA LYS I 86 -28.84 -17.73 5.51
C LYS I 86 -28.81 -18.94 6.42
N ARG I 87 -27.65 -19.19 7.07
CA ARG I 87 -27.55 -20.31 7.99
C ARG I 87 -28.44 -20.11 9.21
N GLU I 88 -28.49 -18.88 9.73
CA GLU I 88 -29.39 -18.59 10.84
C GLU I 88 -30.84 -18.75 10.43
N ALA I 89 -31.18 -18.35 9.20
CA ALA I 89 -32.53 -18.56 8.70
C ALA I 89 -32.85 -20.05 8.61
N GLU I 90 -31.86 -20.87 8.25
CA GLU I 90 -32.08 -22.31 8.19
C GLU I 90 -32.38 -22.89 9.56
N TYR I 91 -31.66 -22.43 10.59
CA TYR I 91 -31.86 -22.95 11.94
C TYR I 91 -33.29 -22.68 12.42
N PHE I 92 -33.77 -21.45 12.23
CA PHE I 92 -35.12 -21.09 12.63
C PHE I 92 -36.18 -21.62 11.67
N GLN I 93 -35.77 -22.28 10.59
CA GLN I 93 -36.66 -22.96 9.65
C GLN I 93 -37.64 -21.96 9.03
N LEU I 94 -37.07 -21.06 8.23
CA LEU I 94 -37.82 -20.07 7.46
C LEU I 94 -37.50 -20.34 6.00
N PRO I 95 -38.19 -21.30 5.38
CA PRO I 95 -37.82 -21.69 4.00
C PRO I 95 -37.87 -20.54 3.01
N ASP I 96 -38.91 -19.71 3.06
CA ASP I 96 -39.04 -18.63 2.09
C ASP I 96 -37.92 -17.61 2.22
N LEU I 97 -37.43 -17.36 3.44
CA LEU I 97 -36.32 -16.42 3.61
C LEU I 97 -35.03 -16.98 3.05
N VAL I 98 -34.80 -18.29 3.19
CA VAL I 98 -33.64 -18.91 2.57
C VAL I 98 -33.70 -18.80 1.05
N LYS I 99 -34.91 -18.93 0.49
CA LYS I 99 -35.08 -18.78 -0.95
C LYS I 99 -34.75 -17.36 -1.38
N LEU I 100 -35.17 -16.36 -0.59
CA LEU I 100 -34.85 -14.98 -0.91
C LEU I 100 -33.34 -14.74 -0.86
N LEU I 101 -32.63 -15.45 0.00
CA LEU I 101 -31.19 -15.26 0.15
C LEU I 101 -30.38 -16.11 -0.81
N THR I 102 -30.96 -17.15 -1.38
CA THR I 102 -30.34 -17.90 -2.47
C THR I 102 -31.18 -17.70 -3.73
N PRO I 103 -31.01 -16.58 -4.44
CA PRO I 103 -31.82 -16.31 -5.64
C PRO I 103 -31.19 -16.87 -6.92
N PHE J 2 19.90 28.37 -39.70
CA PHE J 2 19.57 27.15 -38.98
C PHE J 2 18.54 26.32 -39.77
N PRO J 3 18.69 25.01 -39.76
CA PRO J 3 17.74 24.14 -40.47
C PRO J 3 16.40 24.08 -39.75
N GLU J 4 15.45 23.43 -40.42
CA GLU J 4 14.10 23.30 -39.86
C GLU J 4 14.11 22.42 -38.63
N VAL J 5 14.85 21.32 -38.68
CA VAL J 5 15.03 20.41 -37.55
C VAL J 5 16.49 20.48 -37.14
N VAL J 6 16.73 20.90 -35.90
CA VAL J 6 18.09 21.02 -35.38
C VAL J 6 18.41 19.76 -34.60
N GLU J 7 19.61 19.22 -34.82
CA GLU J 7 20.07 18.03 -34.11
C GLU J 7 20.97 18.47 -32.97
N LEU J 8 20.53 18.23 -31.75
CA LEU J 8 21.25 18.64 -30.56
C LEU J 8 21.89 17.43 -29.89
N ASN J 9 23.04 17.67 -29.27
CA ASN J 9 23.73 16.65 -28.46
C ASN J 9 23.89 17.24 -27.06
N VAL J 10 23.12 16.71 -26.12
CA VAL J 10 23.14 17.17 -24.73
C VAL J 10 23.76 16.07 -23.89
N GLY J 11 25.00 16.29 -23.45
CA GLY J 11 25.69 15.31 -22.62
C GLY J 11 25.80 13.94 -23.23
N GLY J 12 25.71 13.83 -24.54
CA GLY J 12 25.81 12.57 -25.24
C GLY J 12 24.49 11.98 -25.71
N GLN J 13 23.36 12.59 -25.36
CA GLN J 13 22.05 12.14 -25.81
C GLN J 13 21.61 13.02 -26.96
N VAL J 14 21.29 12.40 -28.10
CA VAL J 14 20.92 13.12 -29.31
C VAL J 14 19.43 13.41 -29.27
N TYR J 15 19.07 14.65 -29.63
CA TYR J 15 17.68 15.09 -29.66
C TYR J 15 17.41 15.76 -30.99
N PHE J 16 16.22 15.53 -31.53
CA PHE J 16 15.74 16.20 -32.73
C PHE J 16 14.64 17.15 -32.32
N THR J 17 14.67 18.38 -32.84
CA THR J 17 13.61 19.34 -32.53
C THR J 17 13.61 20.44 -33.57
N ARG J 18 12.47 21.13 -33.66
CA ARG J 18 12.30 22.22 -34.60
C ARG J 18 12.86 23.52 -34.01
N HIS J 19 13.50 24.31 -34.87
CA HIS J 19 14.10 25.58 -34.45
C HIS J 19 13.10 26.44 -33.70
N SER J 20 11.83 26.37 -34.08
CA SER J 20 10.80 27.20 -33.43
C SER J 20 10.67 26.87 -31.95
N THR J 21 10.93 25.62 -31.56
CA THR J 21 10.79 25.24 -30.17
C THR J 21 11.88 25.87 -29.31
N LEU J 22 13.10 25.99 -29.84
CA LEU J 22 14.20 26.53 -29.06
C LEU J 22 14.03 28.03 -28.79
N ILE J 23 13.44 28.76 -29.73
CA ILE J 23 13.28 30.20 -29.60
C ILE J 23 11.88 30.56 -29.12
N SER J 24 11.13 29.58 -28.61
CA SER J 24 9.75 29.84 -28.20
C SER J 24 9.67 30.78 -27.00
N ILE J 25 10.70 30.80 -26.16
CA ILE J 25 10.68 31.61 -24.95
C ILE J 25 11.73 32.71 -25.02
N PRO J 26 11.33 33.96 -25.26
CA PRO J 26 12.32 35.05 -25.34
C PRO J 26 13.11 35.19 -24.05
N HIS J 27 14.33 35.71 -24.18
CA HIS J 27 15.26 35.95 -23.08
C HIS J 27 15.71 34.66 -22.42
N SER J 28 15.49 33.52 -23.07
CA SER J 28 16.00 32.23 -22.62
C SER J 28 17.40 31.98 -23.18
N LEU J 29 18.09 31.00 -22.58
CA LEU J 29 19.45 30.71 -23.00
C LEU J 29 19.44 30.09 -24.39
N LEU J 30 18.57 29.11 -24.62
CA LEU J 30 18.45 28.51 -25.94
C LEU J 30 17.93 29.51 -26.95
N TRP J 31 17.15 30.50 -26.50
CA TRP J 31 16.69 31.56 -27.39
C TRP J 31 17.87 32.42 -27.83
N LYS J 32 18.74 32.77 -26.89
CA LYS J 32 19.92 33.58 -27.23
C LYS J 32 20.84 32.81 -28.18
N MET J 33 20.90 31.49 -28.04
CA MET J 33 21.78 30.68 -28.87
C MET J 33 21.24 30.56 -30.30
N PHE J 34 19.95 30.28 -30.44
CA PHE J 34 19.37 29.91 -31.72
C PHE J 34 18.57 31.04 -32.38
N SER J 35 18.67 32.27 -31.88
CA SER J 35 17.97 33.37 -32.53
C SER J 35 18.75 33.83 -33.75
N PRO J 36 18.15 33.79 -34.95
CA PRO J 36 18.87 34.23 -36.17
C PRO J 36 19.52 35.60 -36.03
N LYS J 37 20.85 35.62 -36.05
CA LYS J 37 21.58 36.88 -35.95
C LYS J 37 22.73 36.92 -36.96
N ASP J 43 31.38 30.24 -32.55
CA ASP J 43 30.78 30.41 -31.23
C ASP J 43 30.23 29.08 -30.72
N LEU J 44 29.28 28.51 -31.46
CA LEU J 44 28.67 27.24 -31.07
C LEU J 44 29.70 26.12 -31.17
N ALA J 45 29.47 25.05 -30.40
CA ALA J 45 30.34 23.89 -30.36
C ALA J 45 29.61 22.69 -30.96
N LYS J 46 30.27 22.00 -31.88
CA LYS J 46 29.71 20.82 -32.54
C LYS J 46 30.56 19.60 -32.26
N ASP J 47 29.93 18.42 -32.32
CA ASP J 47 30.60 17.16 -32.05
C ASP J 47 31.19 16.60 -33.34
N SER J 48 31.65 15.34 -33.28
CA SER J 48 32.28 14.72 -34.44
C SER J 48 31.33 14.62 -35.62
N LYS J 49 30.03 14.56 -35.37
CA LYS J 49 29.01 14.46 -36.40
C LYS J 49 28.37 15.80 -36.73
N GLY J 50 28.95 16.90 -36.25
CA GLY J 50 28.47 18.22 -36.58
C GLY J 50 27.21 18.66 -35.86
N ARG J 51 26.81 17.92 -34.84
CA ARG J 51 25.62 18.27 -34.07
C ARG J 51 25.98 19.34 -33.04
N PHE J 52 25.08 20.29 -32.82
CA PHE J 52 25.34 21.31 -31.82
C PHE J 52 25.37 20.65 -30.44
N PHE J 53 26.31 21.07 -29.60
CA PHE J 53 26.52 20.44 -28.31
C PHE J 53 26.11 21.37 -27.17
N ILE J 54 25.27 20.86 -26.27
CA ILE J 54 24.96 21.50 -25.01
C ILE J 54 25.57 20.64 -23.90
N ASP J 55 26.42 21.25 -23.07
CA ASP J 55 27.16 20.52 -22.05
C ASP J 55 26.34 20.46 -20.75
N ARG J 56 25.26 19.68 -20.81
CA ARG J 56 24.38 19.48 -19.66
C ARG J 56 23.94 18.02 -19.60
N ASP J 57 23.26 17.68 -18.50
CA ASP J 57 22.75 16.34 -18.30
C ASP J 57 21.72 16.00 -19.36
N GLY J 58 21.96 14.90 -20.09
CA GLY J 58 21.12 14.57 -21.22
C GLY J 58 19.74 14.07 -20.86
N PHE J 59 19.60 13.35 -19.75
CA PHE J 59 18.30 12.75 -19.44
C PHE J 59 17.27 13.81 -19.03
N LEU J 60 17.70 14.82 -18.28
CA LEU J 60 16.73 15.80 -17.79
C LEU J 60 16.29 16.78 -18.87
N PHE J 61 16.99 16.84 -20.00
CA PHE J 61 16.58 17.76 -21.06
C PHE J 61 15.25 17.35 -21.69
N ARG J 62 14.84 16.09 -21.48
CA ARG J 62 13.59 15.61 -22.04
C ARG J 62 12.40 16.43 -21.53
N TYR J 63 12.38 16.74 -20.24
CA TYR J 63 11.28 17.51 -19.68
C TYR J 63 11.43 19.00 -19.94
N ILE J 64 12.66 19.48 -20.09
CA ILE J 64 12.85 20.87 -20.53
C ILE J 64 12.33 21.04 -21.94
N LEU J 65 12.57 20.04 -22.81
CA LEU J 65 12.11 20.14 -24.19
C LEU J 65 10.59 20.11 -24.29
N ASP J 66 9.93 19.36 -23.41
CA ASP J 66 8.47 19.34 -23.43
C ASP J 66 7.91 20.69 -22.98
N TYR J 67 8.60 21.36 -22.06
CA TYR J 67 8.18 22.69 -21.64
C TYR J 67 8.35 23.71 -22.76
N LEU J 68 9.48 23.64 -23.47
CA LEU J 68 9.70 24.58 -24.57
C LEU J 68 8.63 24.43 -25.65
N ARG J 69 8.11 23.21 -25.84
CA ARG J 69 7.10 22.99 -26.87
C ARG J 69 5.75 23.56 -26.46
N ASP J 70 5.28 23.20 -25.26
CA ASP J 70 3.91 23.51 -24.83
C ASP J 70 3.83 24.55 -23.73
N ARG J 71 4.96 24.99 -23.18
CA ARG J 71 4.99 25.84 -21.98
C ARG J 71 4.29 25.18 -20.80
N GLN J 72 4.36 23.86 -20.74
CA GLN J 72 3.80 23.09 -19.64
C GLN J 72 4.45 21.72 -19.63
N VAL J 73 4.49 21.11 -18.44
CA VAL J 73 5.08 19.78 -18.26
C VAL J 73 4.36 19.04 -17.14
N VAL J 74 3.74 17.91 -17.47
CA VAL J 74 3.21 16.99 -16.49
C VAL J 74 4.28 15.92 -16.26
N LEU J 75 4.86 15.92 -15.07
CA LEU J 75 5.84 14.92 -14.67
C LEU J 75 5.15 13.70 -14.10
N PRO J 76 5.82 12.55 -14.07
CA PRO J 76 5.26 11.39 -13.39
C PRO J 76 5.08 11.66 -11.89
N ASP J 77 4.27 10.81 -11.26
CA ASP J 77 3.88 11.04 -9.87
C ASP J 77 5.01 10.76 -8.90
N HIS J 78 6.03 10.02 -9.33
CA HIS J 78 7.16 9.67 -8.48
C HIS J 78 8.47 10.19 -9.05
N PHE J 79 8.51 11.45 -9.46
CA PHE J 79 9.73 11.97 -10.07
C PHE J 79 10.80 12.17 -9.00
N PRO J 80 11.88 11.39 -9.01
CA PRO J 80 12.85 11.47 -7.89
C PRO J 80 13.81 12.63 -7.99
N GLU J 81 13.83 13.36 -9.10
CA GLU J 81 14.83 14.40 -9.33
C GLU J 81 14.17 15.73 -9.69
N LYS J 82 13.21 16.15 -8.86
CA LYS J 82 12.60 17.47 -9.05
C LYS J 82 13.63 18.57 -8.80
N GLY J 83 14.49 18.38 -7.79
CA GLY J 83 15.48 19.39 -7.49
C GLY J 83 16.48 19.58 -8.60
N ARG J 84 16.87 18.49 -9.27
CA ARG J 84 17.84 18.59 -10.35
C ARG J 84 17.23 19.27 -11.57
N LEU J 85 15.98 18.96 -11.88
CA LEU J 85 15.32 19.61 -13.00
C LEU J 85 15.18 21.10 -12.75
N LYS J 86 15.00 21.50 -11.48
CA LYS J 86 14.97 22.92 -11.15
C LYS J 86 16.31 23.57 -11.44
N ARG J 87 17.41 22.87 -11.15
CA ARG J 87 18.74 23.39 -11.45
C ARG J 87 18.99 23.46 -12.95
N GLU J 88 18.55 22.44 -13.69
CA GLU J 88 18.72 22.45 -15.14
C GLU J 88 17.91 23.57 -15.78
N ALA J 89 16.69 23.79 -15.29
CA ALA J 89 15.88 24.91 -15.78
C ALA J 89 16.57 26.23 -15.51
N GLU J 90 17.27 26.34 -14.38
CA GLU J 90 17.99 27.56 -14.05
C GLU J 90 19.09 27.85 -15.06
N TYR J 91 19.81 26.81 -15.49
CA TYR J 91 20.88 26.99 -16.46
C TYR J 91 20.33 27.53 -17.79
N PHE J 92 19.26 26.92 -18.29
CA PHE J 92 18.66 27.33 -19.55
C PHE J 92 17.81 28.59 -19.42
N GLN J 93 17.64 29.12 -18.21
CA GLN J 93 17.00 30.42 -17.97
C GLN J 93 15.55 30.41 -18.48
N LEU J 94 14.74 29.60 -17.80
CA LEU J 94 13.31 29.48 -18.07
C LEU J 94 12.58 29.90 -16.79
N PRO J 95 12.37 31.20 -16.60
CA PRO J 95 11.84 31.69 -15.30
C PRO J 95 10.51 31.07 -14.89
N ASP J 96 9.56 30.98 -15.82
CA ASP J 96 8.25 30.43 -15.44
C ASP J 96 8.37 28.97 -15.05
N LEU J 97 9.22 28.20 -15.74
CA LEU J 97 9.34 26.77 -15.44
C LEU J 97 9.87 26.55 -14.03
N VAL J 98 10.89 27.32 -13.63
CA VAL J 98 11.45 27.14 -12.28
C VAL J 98 10.39 27.46 -11.23
N LYS J 99 9.55 28.47 -11.49
CA LYS J 99 8.46 28.78 -10.59
C LYS J 99 7.51 27.59 -10.44
N LEU J 100 7.23 26.90 -11.54
CA LEU J 100 6.33 25.74 -11.51
C LEU J 100 6.85 24.65 -10.60
N LEU J 101 8.18 24.50 -10.50
CA LEU J 101 8.77 23.44 -9.70
C LEU J 101 8.96 23.84 -8.23
N THR J 102 8.92 25.13 -7.93
CA THR J 102 8.97 25.58 -6.55
C THR J 102 7.58 25.57 -5.93
N ASP K 9 -6.26 14.42 -34.19
CA ASP K 9 -6.18 12.98 -34.00
C ASP K 9 -5.45 12.64 -32.70
N ILE K 10 -5.68 11.42 -32.21
CA ILE K 10 -4.96 10.96 -31.03
C ILE K 10 -3.49 10.72 -31.36
N ASN K 11 -3.18 10.32 -32.58
CA ASN K 11 -1.81 10.20 -33.06
C ASN K 11 -1.47 11.48 -33.84
N SER K 12 -0.60 12.30 -33.27
CA SER K 12 -0.17 13.55 -33.87
C SER K 12 1.21 13.88 -33.33
N PRO K 13 2.00 14.73 -34.04
CA PRO K 13 3.37 15.02 -33.60
C PRO K 13 3.48 15.38 -32.12
N GLU K 14 2.81 16.45 -31.70
CA GLU K 14 2.84 16.83 -30.30
C GLU K 14 2.22 15.76 -29.42
N HIS K 15 1.20 15.05 -29.90
CA HIS K 15 0.59 13.98 -29.13
C HIS K 15 1.51 12.77 -29.01
N ILE K 16 2.13 12.36 -30.11
CA ILE K 16 2.95 11.15 -30.10
C ILE K 16 4.20 11.34 -29.24
N GLN K 17 4.92 12.44 -29.47
CA GLN K 17 6.19 12.67 -28.79
C GLN K 17 6.01 13.09 -27.33
N ARG K 18 4.77 13.31 -26.88
CA ARG K 18 4.53 13.52 -25.46
C ARG K 18 4.74 12.24 -24.67
N ARG K 19 4.39 11.09 -25.26
CA ARG K 19 4.33 9.82 -24.53
C ARG K 19 5.73 9.21 -24.46
N LEU K 20 6.53 9.72 -23.53
CA LEU K 20 7.84 9.19 -23.27
C LEU K 20 7.74 8.10 -22.21
N SER K 21 8.29 6.92 -22.52
CA SER K 21 8.25 5.78 -21.61
C SER K 21 9.53 5.71 -20.78
N LEU K 22 9.35 5.58 -19.46
CA LEU K 22 10.45 5.43 -18.52
C LEU K 22 10.16 4.23 -17.63
N GLN K 23 11.19 3.68 -17.01
CA GLN K 23 11.04 2.46 -16.24
C GLN K 23 10.57 2.81 -14.83
N LEU K 24 9.33 2.45 -14.52
CA LEU K 24 8.77 2.68 -13.20
C LEU K 24 9.51 1.86 -12.13
N PRO K 25 9.61 2.37 -10.90
CA PRO K 25 10.40 1.72 -9.83
C PRO K 25 9.69 0.50 -9.27
N ILE K 26 9.59 -0.54 -10.10
CA ILE K 26 8.93 -1.77 -9.73
C ILE K 26 9.95 -2.77 -9.18
N LEU K 27 9.72 -3.25 -7.96
CA LEU K 27 10.54 -4.27 -7.30
C LEU K 27 11.98 -3.78 -7.19
N HIS K 28 12.97 -4.52 -7.68
CA HIS K 28 14.37 -4.16 -7.53
C HIS K 28 14.71 -2.83 -8.19
N HIS K 29 14.03 -2.48 -9.29
CA HIS K 29 14.33 -1.25 -10.00
C HIS K 29 14.09 -0.01 -9.15
N ALA K 30 13.30 -0.12 -8.08
CA ALA K 30 13.06 1.02 -7.20
C ALA K 30 14.36 1.50 -6.54
N TYR K 31 15.26 0.58 -6.19
CA TYR K 31 16.49 0.92 -5.51
C TYR K 31 17.75 0.69 -6.34
N LEU K 32 17.60 0.13 -7.54
CA LEU K 32 18.79 -0.04 -8.39
C LEU K 32 18.88 1.08 -9.42
N PRO K 33 20.08 1.55 -9.73
CA PRO K 33 20.20 2.68 -10.66
C PRO K 33 19.78 2.30 -12.07
N SER K 34 19.02 3.21 -12.70
CA SER K 34 18.52 3.01 -14.06
C SER K 34 18.99 4.06 -15.06
N ILE K 35 19.38 5.25 -14.60
CA ILE K 35 19.78 6.34 -15.49
C ILE K 35 21.21 6.73 -15.16
N GLY K 36 22.11 6.50 -16.11
CA GLY K 36 23.49 6.91 -15.95
C GLY K 36 23.98 7.68 -17.15
N GLY K 37 23.24 7.62 -18.24
CA GLY K 37 23.61 8.26 -19.49
C GLY K 37 23.26 7.36 -20.66
N VAL K 38 23.85 7.67 -21.81
CA VAL K 38 23.57 6.89 -23.02
C VAL K 38 24.23 5.52 -22.95
N ASP K 39 23.53 4.51 -23.44
CA ASP K 39 24.07 3.16 -23.49
C ASP K 39 25.13 3.04 -24.58
N ALA K 40 26.11 2.17 -24.32
CA ALA K 40 27.04 1.72 -25.35
C ALA K 40 26.64 0.32 -25.81
N SER K 41 26.86 0.05 -27.10
CA SER K 41 26.50 -1.23 -27.69
C SER K 41 27.30 -2.37 -27.06
N ASP L 9 -48.58 6.90 9.85
CA ASP L 9 -47.79 8.05 10.25
C ASP L 9 -46.30 7.73 10.18
N ILE L 10 -45.48 8.78 10.10
CA ILE L 10 -44.03 8.61 10.03
C ILE L 10 -43.50 7.99 11.32
N ASN L 11 -44.11 8.36 12.45
CA ASN L 11 -43.64 7.92 13.76
C ASN L 11 -44.43 6.71 14.30
N SER L 12 -45.11 5.98 13.43
CA SER L 12 -45.81 4.78 13.88
C SER L 12 -44.80 3.79 14.47
N PRO L 13 -45.21 3.01 15.48
CA PRO L 13 -44.25 2.10 16.12
C PRO L 13 -43.64 1.09 15.16
N GLU L 14 -44.43 0.56 14.22
CA GLU L 14 -43.87 -0.37 13.24
C GLU L 14 -42.83 0.33 12.38
N HIS L 15 -43.05 1.61 12.05
CA HIS L 15 -42.09 2.36 11.25
C HIS L 15 -40.83 2.71 12.04
N ILE L 16 -41.00 3.10 13.30
CA ILE L 16 -39.87 3.55 14.12
C ILE L 16 -38.88 2.42 14.37
N GLN L 17 -39.37 1.21 14.68
CA GLN L 17 -38.45 0.14 15.02
C GLN L 17 -37.76 -0.42 13.77
N ARG L 18 -38.38 -0.29 12.60
CA ARG L 18 -37.83 -0.86 11.37
C ARG L 18 -36.55 -0.17 10.92
N ARG L 19 -36.32 1.07 11.35
CA ARG L 19 -35.16 1.84 10.90
C ARG L 19 -34.04 1.68 11.93
N LEU L 20 -33.33 0.56 11.84
CA LEU L 20 -32.21 0.28 12.72
C LEU L 20 -30.96 1.01 12.24
N SER L 21 -30.05 1.27 13.18
CA SER L 21 -28.80 1.97 12.89
C SER L 21 -27.61 1.11 13.29
N LEU L 22 -26.64 0.99 12.40
CA LEU L 22 -25.41 0.24 12.63
C LEU L 22 -24.24 1.09 12.14
N GLN L 23 -23.04 0.78 12.62
CA GLN L 23 -21.87 1.58 12.27
C GLN L 23 -21.36 1.16 10.91
N LEU L 24 -21.41 2.07 9.94
CA LEU L 24 -20.96 1.79 8.60
C LEU L 24 -19.43 1.74 8.53
N PRO L 25 -18.88 1.04 7.55
CA PRO L 25 -17.42 0.93 7.39
C PRO L 25 -16.81 2.19 6.75
N ILE L 26 -16.76 3.26 7.52
CA ILE L 26 -16.17 4.52 7.07
C ILE L 26 -14.74 4.62 7.60
N LEU L 27 -13.78 4.77 6.69
CA LEU L 27 -12.36 4.93 7.01
C LEU L 27 -11.86 3.70 7.75
N HIS L 28 -11.28 3.85 8.94
CA HIS L 28 -10.67 2.72 9.65
C HIS L 28 -11.66 1.62 10.00
N HIS L 29 -12.94 1.95 10.18
CA HIS L 29 -13.93 0.95 10.57
C HIS L 29 -13.99 -0.20 9.57
N ALA L 30 -13.84 0.10 8.28
CA ALA L 30 -13.93 -0.92 7.23
C ALA L 30 -13.15 -2.18 7.55
N TYR L 31 -11.98 -2.05 8.16
CA TYR L 31 -11.13 -3.18 8.49
C TYR L 31 -11.05 -3.49 9.99
N LEU L 32 -11.67 -2.67 10.83
CA LEU L 32 -11.69 -2.95 12.26
C LEU L 32 -13.00 -3.62 12.63
N PRO L 33 -12.97 -4.70 13.42
CA PRO L 33 -14.22 -5.39 13.76
C PRO L 33 -15.04 -4.61 14.76
N SER L 34 -16.36 -4.61 14.54
CA SER L 34 -17.31 -3.96 15.44
C SER L 34 -18.33 -4.90 16.04
N ILE L 35 -18.72 -5.96 15.34
CA ILE L 35 -19.74 -6.89 15.82
C ILE L 35 -19.06 -8.00 16.61
N GLY L 36 -19.35 -8.05 17.90
CA GLY L 36 -18.83 -9.10 18.76
C GLY L 36 -19.96 -9.75 19.53
N GLY L 37 -20.26 -9.19 20.69
CA GLY L 37 -21.34 -9.64 21.54
C GLY L 37 -22.08 -8.44 22.11
N VAL L 38 -22.15 -8.37 23.43
CA VAL L 38 -22.76 -7.24 24.13
C VAL L 38 -21.69 -6.61 25.00
N ASP L 39 -21.47 -5.32 24.84
CA ASP L 39 -20.45 -4.65 25.63
C ASP L 39 -20.89 -4.59 27.10
N ALA L 40 -19.90 -4.68 27.99
CA ALA L 40 -20.17 -4.64 29.42
C ALA L 40 -19.76 -3.30 30.03
MG MG M . -39.23 -6.86 7.56
MG MG N . 4.45 20.40 -22.91
#